data_7MCQ
#
_entry.id   7MCQ
#
_cell.length_a   104.354
_cell.length_b   104.354
_cell.length_c   287.362
_cell.angle_alpha   90.000
_cell.angle_beta   90.000
_cell.angle_gamma   90.000
#
_symmetry.space_group_name_H-M   'P 43 2 2'
#
loop_
_entity.id
_entity.type
_entity.pdbx_description
1 polymer 'Bifunctional cystathionine gamma-lyase/homocysteine desulfhydrase'
2 non-polymer "4'-DEOXY-4'-ACETYLYAMINO-PYRIDOXAL-5'-PHOSPHATE"
3 non-polymer 'SODIUM ION'
4 non-polymer GLYCEROL
5 water water
#
_entity_poly.entity_id   1
_entity_poly.type   'polypeptide(L)'
_entity_poly.pdbx_seq_one_letter_code
;SNKKTKLIHGGHTTDDYTGAVTTPIYQTSTYLQDDIGDLRQGYEYSRTANPTRSSVESVIATLENGKHGFAFSSGVAAIS
AVVMLLDKGDHIILNSDVYGGTYRALTKVFTRFGIEVDFVDTTHTDSIVQAIRPTTKMLFIETPSNPLLRVTDIKKSAEI
AKEHGLISVVDNTFMTPYYQNPLDLGIDIVLHSATKYLGGHSDVVAGLVATSDDKLAERLAFISNSTGGILGPQDSYLLV
RGIKTLGLRMEQINRSVIEIIKMLQAHPAVQQVFHPSIESHLNHDVHMAQADGHTGVIAFEVKNTESAKQLIKATSYYTL
AESLGAVESLISVPALMTHASIPADIRAKEGITDGLVRISVGIEDTEDLVDDLKQALDTL
;
_entity_poly.pdbx_strand_id   A,H
#
loop_
_chem_comp.id
_chem_comp.type
_chem_comp.name
_chem_comp.formula
GOL non-polymer GLYCEROL 'C3 H8 O3'
IK2 non-polymer 4'-DEOXY-4'-ACETYLYAMINO-PYRIDOXAL-5'-PHOSPHATE 'C10 H15 N2 O8 P'
NA non-polymer 'SODIUM ION' 'Na 1'
#
# COMPACT_ATOMS: atom_id res chain seq x y z
N SER A 1 19.47 -2.22 30.31
CA SER A 1 19.49 -1.73 28.93
C SER A 1 18.34 -0.75 28.75
N ASN A 2 18.69 0.52 28.75
CA ASN A 2 17.72 1.61 28.68
C ASN A 2 17.33 1.95 27.24
N LYS A 3 16.30 2.79 27.12
CA LYS A 3 15.62 2.98 25.85
C LYS A 3 16.55 3.49 24.76
N LYS A 4 17.42 4.46 25.08
CA LYS A 4 18.30 5.05 24.07
C LYS A 4 19.27 4.03 23.50
N THR A 5 19.58 2.99 24.28
CA THR A 5 20.42 1.89 23.82
C THR A 5 19.63 0.91 22.97
N LYS A 6 18.44 0.52 23.45
CA LYS A 6 17.55 -0.34 22.68
C LYS A 6 17.27 0.23 21.29
N LEU A 7 17.09 1.56 21.21
CA LEU A 7 16.87 2.23 19.93
C LEU A 7 18.02 1.95 18.98
N ILE A 8 19.24 1.89 19.49
CA ILE A 8 20.42 1.73 18.65
C ILE A 8 20.66 0.26 18.31
N HIS A 9 20.48 -0.63 19.30
CA HIS A 9 20.84 -2.05 19.16
C HIS A 9 19.64 -3.00 19.11
N GLY A 10 18.41 -2.50 19.32
CA GLY A 10 17.25 -3.37 19.21
C GLY A 10 16.93 -3.68 17.76
N GLY A 11 16.45 -4.91 17.53
CA GLY A 11 16.11 -5.35 16.19
C GLY A 11 17.32 -5.70 15.35
N HIS A 12 17.04 -6.31 14.20
CA HIS A 12 18.09 -6.69 13.26
C HIS A 12 18.22 -5.61 12.19
N THR A 13 19.29 -4.82 12.28
CA THR A 13 19.53 -3.70 11.38
C THR A 13 20.99 -3.65 10.92
N THR A 14 21.59 -4.81 10.66
CA THR A 14 22.91 -4.90 10.05
C THR A 14 22.89 -6.06 9.08
N ASP A 15 23.94 -6.19 8.27
CA ASP A 15 23.99 -7.20 7.24
C ASP A 15 24.82 -8.37 7.73
N ASP A 16 24.17 -9.52 7.91
CA ASP A 16 24.91 -10.70 8.33
C ASP A 16 25.97 -11.07 7.30
N TYR A 17 25.62 -11.02 6.01
CA TYR A 17 26.53 -11.41 4.93
C TYR A 17 27.82 -10.61 4.94
N THR A 18 27.74 -9.31 4.64
CA THR A 18 28.94 -8.51 4.53
C THR A 18 29.35 -7.86 5.84
N GLY A 19 28.46 -7.79 6.82
CA GLY A 19 28.78 -7.08 8.05
C GLY A 19 28.53 -5.59 8.02
N ALA A 20 27.85 -5.08 6.99
CA ALA A 20 27.50 -3.66 6.93
C ALA A 20 26.75 -3.24 8.19
N VAL A 21 27.11 -2.06 8.74
CA VAL A 21 26.47 -1.63 9.98
C VAL A 21 25.06 -1.06 9.78
N THR A 22 24.59 -0.98 8.54
CA THR A 22 23.24 -0.51 8.24
C THR A 22 22.55 -1.52 7.34
N THR A 23 21.21 -1.50 7.39
CA THR A 23 20.43 -2.48 6.61
C THR A 23 20.59 -2.26 5.12
N PRO A 24 21.03 -3.25 4.36
CA PRO A 24 21.08 -3.09 2.89
C PRO A 24 19.69 -2.80 2.34
N ILE A 25 19.66 -2.01 1.28
CA ILE A 25 18.43 -1.62 0.61
C ILE A 25 18.22 -2.60 -0.54
N TYR A 26 17.27 -3.54 -0.36
CA TYR A 26 17.03 -4.58 -1.35
C TYR A 26 15.99 -4.12 -2.37
N GLN A 27 16.41 -3.20 -3.24
CA GLN A 27 15.54 -2.81 -4.33
C GLN A 27 15.44 -3.96 -5.34
N THR A 28 14.54 -4.90 -5.07
CA THR A 28 14.48 -6.14 -5.82
C THR A 28 13.07 -6.70 -5.72
N SER A 29 12.69 -7.51 -6.71
CA SER A 29 11.33 -8.03 -6.77
C SER A 29 11.23 -9.51 -6.50
N THR A 30 12.28 -10.28 -6.83
CA THR A 30 12.24 -11.73 -6.73
C THR A 30 13.63 -12.25 -6.37
N TYR A 31 13.69 -13.51 -5.98
CA TYR A 31 14.90 -14.13 -5.45
C TYR A 31 15.03 -15.51 -6.06
N LEU A 32 16.24 -15.91 -6.43
CA LEU A 32 16.40 -17.23 -7.03
C LEU A 32 16.26 -18.31 -5.97
N GLN A 33 15.63 -19.41 -6.36
CA GLN A 33 15.44 -20.57 -5.50
C GLN A 33 16.40 -21.67 -5.94
N ASP A 34 17.01 -22.34 -4.96
CA ASP A 34 18.00 -23.36 -5.27
C ASP A 34 17.34 -24.59 -5.89
N ASP A 35 16.23 -25.02 -5.30
CA ASP A 35 15.27 -25.88 -5.98
C ASP A 35 13.90 -25.31 -5.65
N ILE A 36 12.88 -25.82 -6.33
CA ILE A 36 11.50 -25.38 -6.13
C ILE A 36 11.12 -25.44 -4.67
N GLY A 37 10.77 -24.28 -4.10
CA GLY A 37 10.40 -24.18 -2.71
C GLY A 37 11.55 -24.09 -1.74
N ASP A 38 12.79 -24.18 -2.23
CA ASP A 38 13.97 -24.15 -1.36
C ASP A 38 14.53 -22.72 -1.42
N LEU A 39 14.10 -21.90 -0.46
CA LEU A 39 14.57 -20.52 -0.37
C LEU A 39 15.77 -20.44 0.56
N ARG A 40 16.86 -19.83 0.08
CA ARG A 40 18.11 -19.87 0.83
C ARG A 40 18.08 -18.98 2.07
N GLN A 41 17.32 -17.88 2.03
CA GLN A 41 17.18 -17.07 3.23
C GLN A 41 15.73 -16.79 3.56
N GLY A 42 14.81 -17.55 2.96
CA GLY A 42 13.40 -17.43 3.25
C GLY A 42 12.66 -16.45 2.38
N TYR A 43 13.29 -15.94 1.33
CA TYR A 43 12.72 -14.92 0.46
C TYR A 43 12.30 -15.55 -0.85
N GLU A 44 11.14 -15.14 -1.35
CA GLU A 44 10.70 -15.61 -2.66
C GLU A 44 10.08 -14.54 -3.52
N TYR A 45 9.47 -13.51 -2.93
CA TYR A 45 8.84 -12.43 -3.67
C TYR A 45 8.67 -11.23 -2.74
N SER A 46 8.95 -10.02 -3.24
CA SER A 46 9.12 -8.92 -2.31
C SER A 46 7.81 -8.42 -1.71
N ARG A 47 6.67 -8.67 -2.37
CA ARG A 47 5.41 -8.41 -1.70
C ARG A 47 5.28 -9.27 -0.45
N THR A 48 5.71 -10.53 -0.53
CA THR A 48 5.61 -11.41 0.62
C THR A 48 6.63 -11.02 1.70
N ALA A 49 7.90 -10.96 1.33
CA ALA A 49 8.91 -10.48 2.27
C ALA A 49 10.02 -9.78 1.49
N ASN A 50 10.68 -8.84 2.15
CA ASN A 50 11.77 -8.09 1.56
C ASN A 50 12.74 -7.82 2.71
N PRO A 51 14.04 -8.15 2.56
CA PRO A 51 14.94 -8.05 3.72
C PRO A 51 14.98 -6.67 4.36
N THR A 52 14.83 -5.58 3.59
CA THR A 52 14.81 -4.26 4.19
C THR A 52 13.53 -4.05 5.00
N ARG A 53 12.38 -4.44 4.44
CA ARG A 53 11.12 -4.36 5.19
C ARG A 53 11.15 -5.27 6.42
N SER A 54 11.72 -6.47 6.28
CA SER A 54 11.85 -7.34 7.45
C SER A 54 12.69 -6.68 8.53
N SER A 55 13.70 -5.90 8.15
CA SER A 55 14.48 -5.16 9.12
C SER A 55 13.61 -4.17 9.90
N VAL A 56 12.89 -3.32 9.17
CA VAL A 56 12.10 -2.30 9.87
C VAL A 56 11.05 -2.98 10.74
N GLU A 57 10.45 -4.05 10.22
CA GLU A 57 9.47 -4.81 10.98
C GLU A 57 10.08 -5.32 12.28
N SER A 58 11.30 -5.85 12.20
CA SER A 58 11.93 -6.33 13.41
C SER A 58 12.11 -5.20 14.40
N VAL A 59 12.45 -4.01 13.89
CA VAL A 59 12.65 -2.86 14.79
C VAL A 59 11.37 -2.51 15.51
N ILE A 60 10.27 -2.37 14.76
CA ILE A 60 9.03 -1.95 15.41
C ILE A 60 8.55 -3.00 16.40
N ALA A 61 8.72 -4.29 16.05
CA ALA A 61 8.33 -5.34 17.00
C ALA A 61 9.15 -5.24 18.28
N THR A 62 10.46 -5.04 18.15
CA THR A 62 11.32 -4.95 19.34
C THR A 62 10.96 -3.75 20.20
N LEU A 63 10.75 -2.60 19.58
CA LEU A 63 10.55 -1.39 20.37
C LEU A 63 9.19 -1.41 21.08
N GLU A 64 8.20 -2.05 20.47
CA GLU A 64 6.88 -2.17 21.08
C GLU A 64 6.73 -3.42 21.95
N ASN A 65 7.85 -4.14 22.19
CA ASN A 65 7.89 -5.36 22.99
C ASN A 65 6.92 -6.42 22.50
N GLY A 66 6.77 -6.48 21.17
CA GLY A 66 6.01 -7.55 20.55
C GLY A 66 6.92 -8.58 19.90
N LYS A 67 6.30 -9.52 19.18
CA LYS A 67 7.04 -10.55 18.48
C LYS A 67 6.99 -10.42 16.97
N HIS A 68 6.00 -9.70 16.43
CA HIS A 68 5.80 -9.63 14.98
C HIS A 68 5.57 -8.20 14.55
N GLY A 69 6.33 -7.78 13.53
CA GLY A 69 6.15 -6.48 12.90
C GLY A 69 5.65 -6.55 11.48
N PHE A 70 4.99 -5.49 11.02
CA PHE A 70 4.45 -5.39 9.67
C PHE A 70 4.57 -3.95 9.21
N ALA A 71 5.04 -3.74 7.97
CA ALA A 71 5.22 -2.39 7.43
C ALA A 71 4.32 -2.18 6.21
N PHE A 72 3.49 -1.14 6.25
CA PHE A 72 2.56 -0.82 5.17
C PHE A 72 2.90 0.53 4.56
N SER A 73 2.39 0.74 3.33
CA SER A 73 2.66 1.95 2.56
C SER A 73 2.14 3.25 3.21
N SER A 74 1.44 3.20 4.34
CA SER A 74 0.83 4.37 4.96
C SER A 74 0.23 3.89 6.27
N GLY A 75 0.07 4.81 7.21
CA GLY A 75 -0.64 4.44 8.43
C GLY A 75 -2.06 4.02 8.14
N VAL A 76 -2.71 4.75 7.24
CA VAL A 76 -4.04 4.41 6.75
C VAL A 76 -4.09 2.97 6.24
N ALA A 77 -3.04 2.54 5.55
CA ALA A 77 -3.00 1.16 5.05
C ALA A 77 -2.83 0.16 6.18
N ALA A 78 -2.08 0.52 7.22
CA ALA A 78 -1.96 -0.34 8.40
C ALA A 78 -3.31 -0.50 9.07
N ILE A 79 -4.03 0.61 9.23
CA ILE A 79 -5.35 0.57 9.85
C ILE A 79 -6.31 -0.28 9.02
N SER A 80 -6.31 -0.10 7.70
CA SER A 80 -7.14 -0.92 6.84
C SER A 80 -6.82 -2.40 7.01
N ALA A 81 -5.53 -2.75 7.02
CA ALA A 81 -5.15 -4.15 7.18
C ALA A 81 -5.67 -4.71 8.49
N VAL A 82 -5.62 -3.91 9.58
CA VAL A 82 -6.12 -4.39 10.87
C VAL A 82 -7.64 -4.57 10.82
N VAL A 83 -8.34 -3.62 10.21
CA VAL A 83 -9.80 -3.70 10.16
C VAL A 83 -10.22 -4.89 9.28
N MET A 84 -9.41 -5.24 8.29
CA MET A 84 -9.73 -6.38 7.45
C MET A 84 -9.50 -7.70 8.16
N LEU A 85 -9.12 -7.66 9.44
CA LEU A 85 -9.22 -8.85 10.28
C LEU A 85 -10.67 -9.24 10.54
N LEU A 86 -11.62 -8.32 10.32
CA LEU A 86 -13.00 -8.60 10.63
C LEU A 86 -13.78 -9.03 9.38
N ASP A 87 -14.99 -9.57 9.62
CA ASP A 87 -15.86 -10.01 8.54
C ASP A 87 -17.13 -9.17 8.56
N LYS A 88 -17.88 -9.23 7.44
CA LYS A 88 -19.19 -8.59 7.38
C LYS A 88 -20.03 -9.07 8.55
N GLY A 89 -20.69 -8.13 9.22
CA GLY A 89 -21.47 -8.43 10.39
C GLY A 89 -20.76 -8.16 11.69
N ASP A 90 -19.43 -8.09 11.66
CA ASP A 90 -18.66 -7.77 12.84
C ASP A 90 -18.79 -6.29 13.21
N HIS A 91 -18.59 -6.01 14.48
CA HIS A 91 -18.82 -4.69 15.04
C HIS A 91 -17.53 -4.23 15.73
N ILE A 92 -17.14 -2.98 15.48
CA ILE A 92 -15.94 -2.41 16.08
C ILE A 92 -16.33 -1.13 16.78
N ILE A 93 -15.71 -0.88 17.93
CA ILE A 93 -15.87 0.38 18.68
C ILE A 93 -14.56 1.15 18.56
N LEU A 94 -14.66 2.43 18.19
CA LEU A 94 -13.52 3.35 18.15
C LEU A 94 -13.83 4.55 19.01
N ASN A 95 -12.79 5.31 19.39
CA ASN A 95 -13.07 6.51 20.16
C ASN A 95 -13.58 7.61 19.23
N SER A 96 -14.48 8.44 19.78
CA SER A 96 -15.31 9.30 18.94
C SER A 96 -14.52 10.39 18.25
N ASP A 97 -13.35 10.77 18.77
CA ASP A 97 -12.56 11.82 18.16
C ASP A 97 -11.42 11.24 17.32
N VAL A 98 -11.68 10.09 16.69
CA VAL A 98 -10.65 9.39 15.95
C VAL A 98 -10.19 10.25 14.77
N TYR A 99 -8.93 10.03 14.35
CA TYR A 99 -8.35 10.79 13.22
C TYR A 99 -9.26 10.75 12.00
N GLY A 100 -9.41 11.92 11.36
CA GLY A 100 -10.20 12.11 10.17
C GLY A 100 -10.11 10.95 9.18
N GLY A 101 -8.90 10.50 8.85
CA GLY A 101 -8.78 9.46 7.85
C GLY A 101 -9.21 8.10 8.33
N THR A 102 -9.01 7.80 9.63
CA THR A 102 -9.51 6.54 10.19
C THR A 102 -11.04 6.54 10.18
N TYR A 103 -11.66 7.64 10.60
CA TYR A 103 -13.10 7.78 10.51
C TYR A 103 -13.58 7.60 9.08
N ARG A 104 -12.94 8.33 8.16
CA ARG A 104 -13.34 8.26 6.75
C ARG A 104 -13.25 6.84 6.23
N ALA A 105 -12.20 6.10 6.60
CA ALA A 105 -12.06 4.74 6.10
C ALA A 105 -13.10 3.81 6.71
N LEU A 106 -13.33 3.91 8.02
CA LEU A 106 -14.32 3.02 8.64
C LEU A 106 -15.72 3.33 8.13
N THR A 107 -16.04 4.61 7.94
CA THR A 107 -17.41 4.95 7.61
C THR A 107 -17.70 5.02 6.10
N LYS A 108 -16.76 5.36 5.17
CA LYS A 108 -17.18 5.34 3.76
C LYS A 108 -16.55 4.16 3.02
N VAL A 109 -15.79 3.29 3.69
CA VAL A 109 -15.30 2.13 2.96
C VAL A 109 -15.77 0.87 3.66
N PHE A 110 -15.34 0.67 4.90
CA PHE A 110 -15.60 -0.60 5.55
C PHE A 110 -17.06 -0.79 5.99
N THR A 111 -17.85 0.28 6.13
CA THR A 111 -19.28 0.03 6.32
C THR A 111 -19.90 -0.57 5.07
N ARG A 112 -19.43 -0.15 3.88
CA ARG A 112 -19.91 -0.76 2.65
C ARG A 112 -19.64 -2.24 2.59
N PHE A 113 -18.73 -2.74 3.43
CA PHE A 113 -18.45 -4.16 3.51
C PHE A 113 -19.16 -4.82 4.68
N GLY A 114 -20.21 -4.19 5.21
CA GLY A 114 -20.97 -4.82 6.26
C GLY A 114 -20.33 -4.85 7.62
N ILE A 115 -19.38 -3.96 7.88
CA ILE A 115 -18.79 -3.83 9.20
C ILE A 115 -19.53 -2.72 9.96
N GLU A 116 -20.00 -3.05 11.14
CA GLU A 116 -20.77 -2.13 11.97
C GLU A 116 -19.81 -1.35 12.87
N VAL A 117 -20.13 -0.07 13.06
CA VAL A 117 -19.28 0.88 13.78
C VAL A 117 -20.05 1.58 14.88
N ASP A 118 -19.39 1.82 16.01
CA ASP A 118 -19.88 2.70 17.06
C ASP A 118 -18.73 3.61 17.48
N PHE A 119 -18.96 4.91 17.44
CA PHE A 119 -17.97 5.88 17.90
C PHE A 119 -18.37 6.37 19.28
N VAL A 120 -17.45 6.25 20.22
CA VAL A 120 -17.76 6.34 21.64
C VAL A 120 -16.72 7.22 22.33
N ASP A 121 -17.13 8.01 23.32
CA ASP A 121 -16.15 8.80 24.06
C ASP A 121 -15.50 7.88 25.07
N THR A 122 -14.31 7.37 24.73
CA THR A 122 -13.63 6.40 25.57
C THR A 122 -12.89 7.03 26.75
N THR A 123 -12.95 8.35 26.94
CA THR A 123 -12.38 8.93 28.15
C THR A 123 -13.00 8.35 29.41
N HIS A 124 -14.19 7.75 29.32
CA HIS A 124 -14.75 6.94 30.37
C HIS A 124 -14.88 5.52 29.85
N THR A 125 -14.04 4.61 30.36
CA THR A 125 -14.02 3.25 29.84
C THR A 125 -15.41 2.61 29.75
N ASP A 126 -16.32 2.92 30.70
CA ASP A 126 -17.62 2.26 30.72
C ASP A 126 -18.49 2.59 29.51
N SER A 127 -18.21 3.68 28.80
CA SER A 127 -18.90 3.89 27.53
C SER A 127 -18.58 2.78 26.53
N ILE A 128 -17.38 2.19 26.63
CA ILE A 128 -17.07 1.03 25.79
C ILE A 128 -18.03 -0.11 26.12
N VAL A 129 -18.22 -0.38 27.41
CA VAL A 129 -19.10 -1.49 27.79
C VAL A 129 -20.52 -1.24 27.32
N GLN A 130 -21.00 0.00 27.46
CA GLN A 130 -22.31 0.31 26.92
C GLN A 130 -22.38 -0.02 25.44
N ALA A 131 -21.32 0.28 24.69
CA ALA A 131 -21.37 0.08 23.24
C ALA A 131 -21.24 -1.38 22.81
N ILE A 132 -20.73 -2.27 23.67
CA ILE A 132 -20.46 -3.65 23.27
C ILE A 132 -21.77 -4.39 22.95
N ARG A 133 -21.87 -4.88 21.73
CA ARG A 133 -22.90 -5.81 21.26
C ARG A 133 -22.36 -7.23 21.30
N PRO A 134 -23.22 -8.23 21.09
CA PRO A 134 -22.72 -9.60 20.93
C PRO A 134 -21.95 -9.82 19.62
N THR A 135 -22.15 -8.99 18.60
CA THR A 135 -21.36 -9.09 17.37
C THR A 135 -20.05 -8.28 17.41
N THR A 136 -19.68 -7.70 18.55
CA THR A 136 -18.51 -6.85 18.61
C THR A 136 -17.25 -7.71 18.62
N LYS A 137 -16.31 -7.40 17.71
CA LYS A 137 -15.08 -8.16 17.62
C LYS A 137 -13.81 -7.34 17.85
N MET A 138 -13.86 -6.01 17.77
CA MET A 138 -12.63 -5.22 17.84
C MET A 138 -12.87 -3.91 18.58
N LEU A 139 -11.89 -3.51 19.39
CA LEU A 139 -11.87 -2.23 20.08
C LEU A 139 -10.64 -1.47 19.61
N PHE A 140 -10.80 -0.22 19.17
CA PHE A 140 -9.73 0.56 18.52
C PHE A 140 -9.64 1.94 19.16
N ILE A 141 -8.46 2.26 19.71
CA ILE A 141 -8.30 3.41 20.61
C ILE A 141 -7.05 4.21 20.21
N GLU A 142 -7.23 5.53 19.96
CA GLU A 142 -6.12 6.47 19.92
C GLU A 142 -5.93 7.11 21.30
N THR A 143 -4.68 7.27 21.71
CA THR A 143 -4.49 8.01 22.96
C THR A 143 -3.06 8.53 23.10
N PRO A 144 -2.88 9.86 23.19
CA PRO A 144 -3.96 10.85 23.11
C PRO A 144 -4.47 11.06 21.69
N SER A 145 -5.62 11.71 21.59
CA SER A 145 -6.30 11.88 20.31
C SER A 145 -5.94 13.23 19.66
N ASN A 146 -6.29 13.34 18.40
CA ASN A 146 -6.13 14.58 17.64
C ASN A 146 -7.46 15.29 17.57
N PRO A 147 -7.54 16.61 17.80
CA PRO A 147 -6.45 17.52 18.17
C PRO A 147 -6.49 17.97 19.62
N LEU A 148 -7.43 17.43 20.40
CA LEU A 148 -7.63 17.88 21.77
C LEU A 148 -6.92 17.00 22.80
N LEU A 149 -6.26 15.93 22.36
CA LEU A 149 -5.44 15.10 23.23
C LEU A 149 -6.23 14.54 24.41
N ARG A 150 -7.33 13.84 24.08
CA ARG A 150 -8.12 13.13 25.09
C ARG A 150 -7.44 11.81 25.41
N VAL A 151 -7.29 11.51 26.69
CA VAL A 151 -6.57 10.31 27.15
C VAL A 151 -7.56 9.19 27.45
N THR A 152 -7.20 7.96 27.07
CA THR A 152 -8.02 6.78 27.33
C THR A 152 -7.21 5.78 28.12
N ASP A 153 -7.86 5.09 29.06
CA ASP A 153 -7.16 4.14 29.93
C ASP A 153 -6.87 2.89 29.12
N ILE A 154 -5.60 2.70 28.78
CA ILE A 154 -5.21 1.58 27.92
C ILE A 154 -5.38 0.26 28.66
N LYS A 155 -4.85 0.17 29.89
CA LYS A 155 -4.94 -1.09 30.64
C LYS A 155 -6.39 -1.50 30.86
N LYS A 156 -7.26 -0.54 31.19
CA LYS A 156 -8.68 -0.83 31.35
C LYS A 156 -9.32 -1.27 30.04
N SER A 157 -8.98 -0.61 28.94
CA SER A 157 -9.56 -1.02 27.67
C SER A 157 -9.09 -2.42 27.28
N ALA A 158 -7.88 -2.79 27.69
CA ALA A 158 -7.40 -4.14 27.46
C ALA A 158 -8.18 -5.13 28.31
N GLU A 159 -8.43 -4.81 29.58
CA GLU A 159 -9.22 -5.69 30.43
C GLU A 159 -10.62 -5.90 29.87
N ILE A 160 -11.28 -4.81 29.47
CA ILE A 160 -12.59 -4.90 28.82
C ILE A 160 -12.54 -5.80 27.60
N ALA A 161 -11.55 -5.56 26.72
CA ALA A 161 -11.42 -6.36 25.50
C ALA A 161 -11.18 -7.83 25.80
N LYS A 162 -10.29 -8.12 26.76
CA LYS A 162 -10.04 -9.52 27.14
C LYS A 162 -11.32 -10.18 27.62
N GLU A 163 -12.07 -9.51 28.49
CA GLU A 163 -13.20 -10.16 29.09
C GLU A 163 -14.33 -10.35 28.08
N HIS A 164 -14.43 -9.50 27.07
CA HIS A 164 -15.48 -9.64 26.07
C HIS A 164 -15.01 -10.30 24.79
N GLY A 165 -13.77 -10.75 24.74
CA GLY A 165 -13.32 -11.46 23.56
C GLY A 165 -13.11 -10.57 22.36
N LEU A 166 -12.62 -9.36 22.57
CA LEU A 166 -12.35 -8.44 21.47
C LEU A 166 -10.85 -8.38 21.16
N ILE A 167 -10.55 -8.11 19.89
CA ILE A 167 -9.21 -7.72 19.47
C ILE A 167 -9.01 -6.25 19.85
N SER A 168 -8.10 -5.98 20.77
CA SER A 168 -7.81 -4.60 21.17
C SER A 168 -6.66 -4.04 20.32
N VAL A 169 -6.88 -2.86 19.78
CA VAL A 169 -5.93 -2.15 18.93
C VAL A 169 -5.72 -0.77 19.53
N VAL A 170 -4.46 -0.42 19.78
CA VAL A 170 -4.14 0.96 20.16
C VAL A 170 -3.31 1.58 19.06
N ASP A 171 -3.59 2.85 18.80
CA ASP A 171 -2.94 3.62 17.76
C ASP A 171 -1.96 4.55 18.47
N ASN A 172 -0.73 4.07 18.61
CA ASN A 172 0.28 4.69 19.46
C ASN A 172 1.02 5.81 18.75
N THR A 173 0.48 6.36 17.65
CA THR A 173 1.24 7.28 16.79
C THR A 173 1.76 8.50 17.54
N PHE A 174 0.90 9.13 18.35
CA PHE A 174 1.27 10.36 19.04
C PHE A 174 2.28 10.15 20.16
N MET A 175 2.42 8.94 20.69
CA MET A 175 3.34 8.74 21.81
C MET A 175 4.65 8.06 21.39
N THR A 176 4.63 7.25 20.31
CA THR A 176 5.77 6.48 19.83
C THR A 176 6.09 5.36 20.80
N PRO A 177 6.78 4.30 20.36
CA PRO A 177 7.19 3.26 21.31
C PRO A 177 8.14 3.76 22.39
N TYR A 178 8.67 4.98 22.24
CA TYR A 178 9.61 5.51 23.22
C TYR A 178 8.94 5.85 24.54
N TYR A 179 7.65 6.19 24.53
CA TYR A 179 6.96 6.70 25.72
C TYR A 179 5.80 5.84 26.20
N GLN A 180 5.18 5.03 25.34
CA GLN A 180 3.96 4.27 25.65
C GLN A 180 4.05 2.93 24.93
N ASN A 181 3.82 1.83 25.66
CA ASN A 181 3.95 0.49 25.05
C ASN A 181 2.66 -0.27 25.30
N PRO A 182 1.65 -0.08 24.44
CA PRO A 182 0.34 -0.70 24.67
C PRO A 182 0.39 -2.22 24.81
N LEU A 183 1.28 -2.90 24.08
CA LEU A 183 1.35 -4.35 24.20
C LEU A 183 1.66 -4.76 25.64
N ASP A 184 2.48 -3.98 26.35
CA ASP A 184 2.82 -4.27 27.73
C ASP A 184 1.63 -4.15 28.66
N LEU A 185 0.54 -3.51 28.22
CA LEU A 185 -0.63 -3.34 29.08
C LEU A 185 -1.78 -4.23 28.64
N GLY A 186 -1.51 -5.23 27.81
CA GLY A 186 -2.51 -6.21 27.45
C GLY A 186 -3.16 -6.00 26.09
N ILE A 187 -2.85 -4.91 25.39
CA ILE A 187 -3.43 -4.69 24.06
C ILE A 187 -2.91 -5.75 23.09
N ASP A 188 -3.77 -6.13 22.14
CA ASP A 188 -3.42 -7.17 21.19
C ASP A 188 -2.57 -6.67 20.03
N ILE A 189 -2.93 -5.52 19.46
CA ILE A 189 -2.28 -4.97 18.27
C ILE A 189 -1.99 -3.50 18.53
N VAL A 190 -0.76 -3.06 18.19
CA VAL A 190 -0.39 -1.64 18.25
C VAL A 190 0.07 -1.17 16.87
N LEU A 191 -0.39 -0.01 16.45
CA LEU A 191 -0.03 0.48 15.11
C LEU A 191 0.40 1.95 15.17
N HIS A 192 1.18 2.35 14.17
CA HIS A 192 1.69 3.71 14.05
C HIS A 192 1.58 4.20 12.63
N SER A 193 1.26 5.47 12.48
CA SER A 193 1.64 6.21 11.28
C SER A 193 3.13 6.52 11.42
N ALA A 194 3.98 5.69 10.80
CA ALA A 194 5.41 5.98 10.83
C ALA A 194 5.73 7.28 10.09
N THR A 195 4.77 7.86 9.37
CA THR A 195 4.95 9.14 8.72
C THR A 195 5.31 10.25 9.71
N LYS A 196 5.00 10.07 10.99
CA LYS A 196 5.20 11.13 11.97
C LYS A 196 6.54 10.94 12.68
N TYR A 197 6.47 10.71 14.00
CA TYR A 197 7.68 10.75 14.83
C TYR A 197 8.69 9.68 14.44
N LEU A 198 8.21 8.46 14.15
CA LEU A 198 9.12 7.36 13.87
C LEU A 198 10.04 7.70 12.71
N GLY A 199 9.49 7.88 11.52
CA GLY A 199 10.30 8.38 10.42
C GLY A 199 11.01 9.67 10.80
N GLY A 200 10.28 10.59 11.42
CA GLY A 200 10.87 11.73 12.08
C GLY A 200 11.32 12.87 11.19
N HIS A 201 11.42 12.66 9.87
CA HIS A 201 12.07 13.63 8.98
C HIS A 201 11.21 14.09 7.81
N SER A 202 9.88 13.93 7.90
CA SER A 202 8.94 14.47 6.92
C SER A 202 9.23 13.97 5.51
N ASP A 203 9.77 12.75 5.39
CA ASP A 203 10.27 12.25 4.12
C ASP A 203 9.84 10.82 3.82
N VAL A 204 8.98 10.24 4.65
CA VAL A 204 8.49 8.88 4.43
C VAL A 204 7.02 8.86 4.81
N VAL A 205 6.20 8.29 3.95
CA VAL A 205 4.82 7.95 4.28
C VAL A 205 4.76 6.45 4.45
N ALA A 206 4.44 5.99 5.67
CA ALA A 206 4.44 4.57 5.98
C ALA A 206 3.67 4.30 7.27
N GLY A 207 3.17 3.07 7.41
CA GLY A 207 2.53 2.61 8.63
C GLY A 207 3.20 1.36 9.15
N LEU A 208 3.15 1.16 10.47
CA LEU A 208 3.77 0.01 11.10
C LEU A 208 2.78 -0.62 12.08
N VAL A 209 2.87 -1.95 12.21
CA VAL A 209 2.00 -2.72 13.10
C VAL A 209 2.86 -3.72 13.88
N ALA A 210 2.50 -3.93 15.15
CA ALA A 210 3.23 -4.86 16.01
C ALA A 210 2.27 -5.62 16.92
N THR A 211 2.52 -6.93 17.05
CA THR A 211 1.71 -7.76 17.94
C THR A 211 2.59 -8.84 18.58
N SER A 212 2.09 -9.40 19.69
CA SER A 212 2.66 -10.61 20.26
C SER A 212 1.84 -11.86 19.98
N ASP A 213 0.65 -11.71 19.40
CA ASP A 213 -0.27 -12.81 19.14
C ASP A 213 0.12 -13.53 17.85
N ASP A 214 0.54 -14.80 17.94
CA ASP A 214 0.97 -15.53 16.74
C ASP A 214 -0.17 -15.68 15.73
N LYS A 215 -1.37 -15.94 16.21
CA LYS A 215 -2.43 -16.19 15.24
C LYS A 215 -2.93 -14.88 14.63
N LEU A 216 -2.92 -13.81 15.42
CA LEU A 216 -3.21 -12.50 14.86
C LEU A 216 -2.15 -12.12 13.83
N ALA A 217 -0.87 -12.37 14.15
CA ALA A 217 0.21 -12.06 13.21
C ALA A 217 0.04 -12.84 11.91
N GLU A 218 -0.36 -14.11 12.00
CA GLU A 218 -0.53 -14.93 10.81
C GLU A 218 -1.63 -14.38 9.93
N ARG A 219 -2.72 -13.92 10.56
CA ARG A 219 -3.80 -13.31 9.79
C ARG A 219 -3.35 -11.99 9.16
N LEU A 220 -2.62 -11.18 9.93
CA LEU A 220 -2.10 -9.92 9.40
C LEU A 220 -1.22 -10.16 8.19
N ALA A 221 -0.32 -11.14 8.28
CA ALA A 221 0.53 -11.48 7.15
C ALA A 221 -0.31 -11.92 5.94
N PHE A 222 -1.34 -12.76 6.15
CA PHE A 222 -2.14 -13.18 5.01
C PHE A 222 -2.80 -11.98 4.33
N ILE A 223 -3.32 -11.05 5.14
CA ILE A 223 -3.95 -9.85 4.58
C ILE A 223 -2.92 -9.01 3.83
N SER A 224 -1.78 -8.77 4.46
CA SER A 224 -0.74 -7.97 3.83
C SER A 224 -0.33 -8.56 2.49
N ASN A 225 -0.21 -9.89 2.40
CA ASN A 225 0.23 -10.49 1.15
C ASN A 225 -0.87 -10.50 0.10
N SER A 226 -2.14 -10.55 0.52
CA SER A 226 -3.22 -10.68 -0.46
C SER A 226 -3.85 -9.35 -0.86
N THR A 227 -3.60 -8.28 -0.10
CA THR A 227 -4.07 -6.95 -0.50
C THR A 227 -2.92 -5.98 -0.80
N GLY A 228 -1.71 -6.24 -0.30
CA GLY A 228 -0.50 -5.69 -0.89
C GLY A 228 -0.14 -4.24 -0.62
N GLY A 229 -0.59 -3.67 0.50
CA GLY A 229 -0.20 -2.30 0.77
C GLY A 229 1.06 -2.26 1.58
N ILE A 230 2.11 -2.85 1.02
CA ILE A 230 3.39 -3.05 1.70
C ILE A 230 4.28 -1.82 1.52
N LEU A 231 5.13 -1.59 2.52
CA LEU A 231 6.10 -0.52 2.44
C LEU A 231 7.27 -0.96 1.56
N GLY A 232 7.68 -0.09 0.65
CA GLY A 232 8.81 -0.36 -0.20
C GLY A 232 10.15 -0.36 0.53
N PRO A 233 11.17 -0.91 -0.11
CA PRO A 233 12.44 -1.07 0.61
C PRO A 233 13.14 0.25 0.93
N GLN A 234 13.16 1.20 -0.01
CA GLN A 234 13.82 2.47 0.26
C GLN A 234 13.19 3.19 1.45
N ASP A 235 11.86 3.21 1.52
CA ASP A 235 11.20 3.84 2.66
C ASP A 235 11.43 3.04 3.94
N SER A 236 11.57 1.72 3.85
CA SER A 236 11.88 0.97 5.06
C SER A 236 13.26 1.33 5.57
N TYR A 237 14.23 1.48 4.66
CA TYR A 237 15.56 1.89 5.07
C TYR A 237 15.50 3.24 5.78
N LEU A 238 14.84 4.22 5.14
CA LEU A 238 14.77 5.56 5.70
C LEU A 238 14.06 5.56 7.05
N LEU A 239 13.12 4.62 7.24
CA LEU A 239 12.43 4.48 8.50
C LEU A 239 13.36 3.98 9.60
N VAL A 240 14.13 2.93 9.32
CA VAL A 240 15.11 2.44 10.30
C VAL A 240 16.03 3.58 10.71
N ARG A 241 16.59 4.26 9.70
CA ARG A 241 17.47 5.40 9.93
C ARG A 241 16.81 6.43 10.83
N GLY A 242 15.58 6.85 10.47
CA GLY A 242 14.89 7.84 11.27
C GLY A 242 14.69 7.39 12.70
N ILE A 243 14.36 6.10 12.88
CA ILE A 243 14.03 5.64 14.23
C ILE A 243 15.27 5.73 15.11
N LYS A 244 16.48 5.63 14.54
CA LYS A 244 17.69 5.75 15.38
C LYS A 244 17.67 6.98 16.28
N THR A 245 17.27 8.14 15.77
CA THR A 245 17.36 9.34 16.59
C THR A 245 16.11 9.60 17.40
N LEU A 246 15.17 8.66 17.42
CA LEU A 246 13.83 8.90 17.97
C LEU A 246 13.89 9.34 19.43
N GLY A 247 14.67 8.64 20.26
CA GLY A 247 14.77 9.03 21.66
C GLY A 247 15.29 10.45 21.85
N LEU A 248 16.42 10.79 21.19
CA LEU A 248 16.96 12.13 21.31
C LEU A 248 15.93 13.17 20.86
N ARG A 249 15.24 12.90 19.75
CA ARG A 249 14.26 13.83 19.22
C ARG A 249 13.07 13.98 20.16
N MET A 250 12.50 12.87 20.64
CA MET A 250 11.38 12.96 21.57
C MET A 250 11.78 13.71 22.83
N GLU A 251 13.04 13.58 23.27
CA GLU A 251 13.38 14.23 24.52
C GLU A 251 13.55 15.73 24.34
N GLN A 252 14.18 16.14 23.24
CA GLN A 252 14.22 17.56 22.91
C GLN A 252 12.80 18.11 22.82
N ILE A 253 11.96 17.41 22.06
CA ILE A 253 10.58 17.85 21.88
C ILE A 253 9.90 18.02 23.23
N ASN A 254 10.12 17.08 24.15
CA ASN A 254 9.44 17.13 25.43
C ASN A 254 9.91 18.31 26.27
N ARG A 255 11.22 18.58 26.29
CA ARG A 255 11.75 19.75 27.00
C ARG A 255 11.08 21.03 26.49
N SER A 256 10.97 21.15 25.16
CA SER A 256 10.32 22.33 24.61
C SER A 256 8.82 22.34 24.94
N VAL A 257 8.16 21.17 24.92
CA VAL A 257 6.73 21.13 25.21
C VAL A 257 6.47 21.69 26.60
N ILE A 258 7.24 21.24 27.59
CA ILE A 258 7.03 21.72 28.95
C ILE A 258 7.17 23.24 29.02
N GLU A 259 8.26 23.78 28.43
CA GLU A 259 8.44 25.23 28.54
C GLU A 259 7.35 25.99 27.80
N ILE A 260 6.94 25.48 26.63
CA ILE A 260 5.92 26.16 25.81
C ILE A 260 4.59 26.18 26.55
N ILE A 261 4.26 25.09 27.25
CA ILE A 261 3.00 25.06 28.00
C ILE A 261 3.06 26.05 29.17
N LYS A 262 4.20 26.16 29.86
CA LYS A 262 4.27 27.19 30.91
C LYS A 262 4.01 28.57 30.33
N MET A 263 4.59 28.86 29.16
CA MET A 263 4.33 30.13 28.50
C MET A 263 2.83 30.31 28.17
N LEU A 264 2.21 29.27 27.61
CA LEU A 264 0.81 29.39 27.16
C LEU A 264 -0.13 29.57 28.34
N GLN A 265 0.08 28.81 29.41
CA GLN A 265 -0.73 28.95 30.60
C GLN A 265 -0.60 30.34 31.21
N ALA A 266 0.59 30.94 31.13
CA ALA A 266 0.75 32.29 31.69
C ALA A 266 0.27 33.39 30.75
N HIS A 267 -0.03 33.09 29.48
CA HIS A 267 -0.29 34.22 28.57
C HIS A 267 -1.77 34.62 28.59
N PRO A 268 -2.05 35.93 28.48
CA PRO A 268 -3.45 36.38 28.50
C PRO A 268 -4.26 36.06 27.26
N ALA A 269 -3.65 36.06 26.08
CA ALA A 269 -4.42 35.80 24.86
C ALA A 269 -4.82 34.34 24.72
N VAL A 270 -4.39 33.47 25.63
CA VAL A 270 -4.66 32.04 25.57
C VAL A 270 -5.70 31.74 26.62
N GLN A 271 -6.85 31.23 26.17
CA GLN A 271 -8.00 30.96 27.04
C GLN A 271 -7.98 29.57 27.64
N GLN A 272 -7.34 28.63 26.97
CA GLN A 272 -7.40 27.23 27.36
C GLN A 272 -6.29 26.48 26.63
N VAL A 273 -5.70 25.49 27.31
CA VAL A 273 -4.64 24.67 26.72
C VAL A 273 -5.03 23.21 26.88
N PHE A 274 -4.82 22.43 25.82
CA PHE A 274 -5.07 20.99 25.78
C PHE A 274 -3.72 20.30 25.63
N HIS A 275 -3.32 19.56 26.66
CA HIS A 275 -2.18 18.66 26.64
C HIS A 275 -2.17 17.76 27.88
N PRO A 276 -1.90 16.47 27.72
CA PRO A 276 -1.96 15.57 28.88
C PRO A 276 -0.97 15.89 29.98
N SER A 277 0.02 16.75 29.74
CA SER A 277 0.96 17.04 30.80
C SER A 277 0.36 17.95 31.88
N ILE A 278 -0.74 18.62 31.57
CA ILE A 278 -1.38 19.56 32.49
C ILE A 278 -2.19 18.77 33.52
N GLU A 279 -1.99 19.07 34.80
CA GLU A 279 -2.59 18.26 35.86
C GLU A 279 -4.10 18.35 35.89
N SER A 280 -4.70 19.44 35.39
CA SER A 280 -6.14 19.54 35.30
C SER A 280 -6.69 18.83 34.07
N HIS A 281 -5.84 18.32 33.20
CA HIS A 281 -6.31 17.62 32.01
C HIS A 281 -7.04 16.35 32.42
N LEU A 282 -8.17 16.10 31.75
CA LEU A 282 -8.94 14.89 32.00
C LEU A 282 -8.07 13.66 31.81
N ASN A 283 -8.04 12.79 32.81
CA ASN A 283 -7.29 11.54 32.78
C ASN A 283 -5.78 11.79 32.72
N HIS A 284 -5.32 12.90 33.29
CA HIS A 284 -3.88 13.13 33.38
C HIS A 284 -3.22 12.01 34.18
N ASP A 285 -3.86 11.59 35.28
CA ASP A 285 -3.27 10.52 36.07
CA ASP A 285 -3.31 10.50 36.09
C ASP A 285 -3.17 9.23 35.27
N VAL A 286 -4.19 8.94 34.44
CA VAL A 286 -4.21 7.74 33.60
C VAL A 286 -3.03 7.77 32.63
N HIS A 287 -2.83 8.94 31.99
CA HIS A 287 -1.74 9.06 31.05
C HIS A 287 -0.40 8.86 31.73
N MET A 288 -0.18 9.53 32.87
CA MET A 288 1.07 9.39 33.59
C MET A 288 1.28 7.96 34.07
N ALA A 289 0.20 7.20 34.25
CA ALA A 289 0.33 5.80 34.63
C ALA A 289 0.62 4.88 33.45
N GLN A 290 0.32 5.29 32.22
CA GLN A 290 0.57 4.41 31.08
C GLN A 290 1.69 4.87 30.16
N ALA A 291 2.31 6.02 30.44
CA ALA A 291 3.40 6.55 29.62
C ALA A 291 4.42 7.21 30.53
N ASP A 292 5.68 7.26 30.08
CA ASP A 292 6.68 7.99 30.84
C ASP A 292 7.18 9.23 30.10
N GLY A 293 6.35 9.78 29.23
CA GLY A 293 6.71 10.99 28.51
C GLY A 293 5.49 11.57 27.88
N HIS A 294 5.70 12.51 26.96
CA HIS A 294 4.58 13.22 26.35
C HIS A 294 4.71 13.31 24.84
N THR A 295 3.56 13.38 24.18
CA THR A 295 3.53 13.73 22.78
C THR A 295 3.91 15.20 22.64
N GLY A 296 4.34 15.55 21.43
CA GLY A 296 4.67 16.93 21.15
C GLY A 296 3.57 17.75 20.52
N VAL A 297 2.36 17.20 20.41
CA VAL A 297 1.23 17.95 19.88
C VAL A 297 0.53 18.68 21.03
N ILE A 298 0.36 19.98 20.88
CA ILE A 298 -0.30 20.83 21.87
C ILE A 298 -1.41 21.61 21.18
N ALA A 299 -2.55 21.76 21.85
CA ALA A 299 -3.61 22.62 21.35
C ALA A 299 -3.86 23.75 22.34
N PHE A 300 -4.21 24.92 21.82
CA PHE A 300 -4.59 26.02 22.70
C PHE A 300 -5.55 26.89 21.92
N GLU A 301 -6.44 27.56 22.65
CA GLU A 301 -7.49 28.38 22.06
C GLU A 301 -7.18 29.87 22.25
N VAL A 302 -7.22 30.61 21.13
CA VAL A 302 -7.20 32.08 21.13
C VAL A 302 -8.59 32.56 20.69
N LYS A 303 -8.82 33.89 20.72
CA LYS A 303 -10.20 34.40 20.72
C LYS A 303 -10.98 34.06 19.46
N ASN A 304 -10.34 34.03 18.29
CA ASN A 304 -11.10 33.89 17.04
C ASN A 304 -10.17 33.45 15.92
N THR A 305 -10.76 33.28 14.73
CA THR A 305 -10.00 32.81 13.57
C THR A 305 -8.95 33.81 13.13
N GLU A 306 -9.18 35.11 13.35
CA GLU A 306 -8.18 36.02 12.84
C GLU A 306 -6.99 36.15 13.79
N SER A 307 -7.18 35.82 15.07
CA SER A 307 -6.02 35.75 15.94
C SER A 307 -5.21 34.49 15.67
N ALA A 308 -5.86 33.41 15.24
CA ALA A 308 -5.12 32.23 14.78
C ALA A 308 -4.28 32.57 13.55
N LYS A 309 -4.91 33.13 12.51
CA LYS A 309 -4.16 33.46 11.30
C LYS A 309 -3.01 34.42 11.59
N GLN A 310 -3.24 35.38 12.49
CA GLN A 310 -2.21 36.34 12.82
C GLN A 310 -1.06 35.68 13.58
N LEU A 311 -1.39 34.71 14.44
CA LEU A 311 -0.37 33.94 15.13
C LEU A 311 0.49 33.18 14.13
N ILE A 312 -0.13 32.65 13.08
CA ILE A 312 0.64 31.91 12.08
C ILE A 312 1.61 32.85 11.37
N LYS A 313 1.14 34.03 10.98
CA LYS A 313 2.00 34.95 10.24
C LYS A 313 3.09 35.55 11.13
N ALA A 314 2.81 35.72 12.43
CA ALA A 314 3.75 36.36 13.36
C ALA A 314 4.88 35.45 13.83
N THR A 315 4.73 34.12 13.72
CA THR A 315 5.79 33.20 14.12
C THR A 315 6.88 33.11 13.05
N SER A 316 8.13 32.95 13.50
CA SER A 316 9.23 32.77 12.57
C SER A 316 9.69 31.31 12.49
N TYR A 317 9.53 30.54 13.56
CA TYR A 317 10.01 29.18 13.60
C TYR A 317 8.90 28.13 13.57
N TYR A 318 7.64 28.54 13.55
CA TYR A 318 6.55 27.59 13.38
C TYR A 318 6.08 27.66 11.93
N THR A 319 5.95 26.49 11.31
CA THR A 319 5.74 26.34 9.87
C THR A 319 4.32 25.86 9.61
N LEU A 320 3.62 26.52 8.68
CA LEU A 320 2.26 26.12 8.34
C LEU A 320 2.32 24.97 7.35
N ALA A 321 1.96 23.78 7.81
CA ALA A 321 2.00 22.58 6.99
C ALA A 321 1.14 21.50 7.62
N GLU A 322 0.70 20.56 6.78
CA GLU A 322 0.05 19.38 7.31
C GLU A 322 1.07 18.47 7.98
N SER A 323 0.55 17.56 8.82
CA SER A 323 1.30 16.50 9.51
C SER A 323 1.94 16.96 10.81
N LEU A 324 2.66 16.06 11.46
CA LEU A 324 3.27 16.30 12.77
C LEU A 324 4.47 15.38 12.91
N GLY A 325 5.19 15.52 14.02
CA GLY A 325 6.40 14.72 14.22
C GLY A 325 7.55 15.07 13.31
N ALA A 326 7.59 16.28 12.76
CA ALA A 326 8.70 16.66 11.90
C ALA A 326 9.87 17.17 12.76
N VAL A 327 11.03 17.41 12.12
CA VAL A 327 12.07 18.14 12.84
C VAL A 327 11.67 19.59 13.00
N GLU A 328 11.09 20.15 11.95
CA GLU A 328 10.45 21.46 12.00
C GLU A 328 9.29 21.44 12.97
N SER A 329 9.08 22.51 13.70
CA SER A 329 7.81 22.63 14.41
C SER A 329 6.72 23.13 13.47
N LEU A 330 5.54 22.55 13.58
CA LEU A 330 4.46 22.79 12.65
C LEU A 330 3.30 23.44 13.39
N ILE A 331 2.48 24.21 12.65
CA ILE A 331 1.35 24.93 13.22
C ILE A 331 0.18 24.87 12.25
N SER A 332 -1.04 24.87 12.81
CA SER A 332 -2.24 24.68 12.01
C SER A 332 -3.46 25.21 12.75
N VAL A 333 -4.54 25.37 11.99
CA VAL A 333 -5.85 25.75 12.49
C VAL A 333 -6.82 24.63 12.17
N PRO A 334 -7.08 23.71 13.12
CA PRO A 334 -8.00 22.60 12.82
C PRO A 334 -9.33 23.03 12.24
N ALA A 335 -9.90 24.15 12.70
CA ALA A 335 -11.18 24.62 12.17
C ALA A 335 -11.13 24.91 10.67
N LEU A 336 -9.96 25.31 10.14
CA LEU A 336 -9.85 25.70 8.75
C LEU A 336 -9.12 24.67 7.90
N MET A 337 -8.61 23.60 8.50
CA MET A 337 -7.74 22.67 7.78
C MET A 337 -8.27 21.24 7.87
N THR A 338 -8.12 20.60 9.03
CA THR A 338 -8.47 19.20 9.15
C THR A 338 -9.97 19.02 9.42
N HIS A 339 -10.58 19.97 10.10
CA HIS A 339 -11.99 19.89 10.51
C HIS A 339 -12.86 20.93 9.80
N ALA A 340 -12.47 21.29 8.57
CA ALA A 340 -13.18 22.34 7.85
C ALA A 340 -14.54 21.89 7.34
N SER A 341 -14.70 20.59 7.04
CA SER A 341 -15.96 20.11 6.48
C SER A 341 -17.06 20.10 7.54
N ILE A 342 -16.65 19.99 8.80
CA ILE A 342 -17.58 20.03 9.94
C ILE A 342 -18.07 21.45 10.14
N PRO A 343 -19.40 21.68 10.14
CA PRO A 343 -19.94 23.05 10.28
C PRO A 343 -19.56 23.72 11.59
N ALA A 344 -19.63 25.05 11.56
CA ALA A 344 -19.14 25.90 12.65
C ALA A 344 -19.78 25.59 13.99
N ASP A 345 -21.13 25.65 14.06
CA ASP A 345 -21.79 25.51 15.35
C ASP A 345 -21.63 24.10 15.90
N ILE A 346 -21.58 23.12 15.04
CA ILE A 346 -21.35 21.79 15.57
C ILE A 346 -19.88 21.58 15.96
N ARG A 347 -18.94 22.31 15.36
CA ARG A 347 -17.56 22.15 15.80
C ARG A 347 -17.30 22.89 17.12
N ALA A 348 -18.12 23.91 17.44
CA ALA A 348 -18.11 24.42 18.80
C ALA A 348 -18.63 23.36 19.77
N LYS A 349 -19.69 22.64 19.40
CA LYS A 349 -20.12 21.52 20.25
C LYS A 349 -18.98 20.50 20.40
N GLU A 350 -18.20 20.26 19.33
CA GLU A 350 -17.14 19.24 19.38
C GLU A 350 -15.87 19.71 20.10
N GLY A 351 -15.67 21.02 20.26
CA GLY A 351 -14.47 21.56 20.88
C GLY A 351 -13.52 22.21 19.91
N ILE A 352 -13.75 22.06 18.61
CA ILE A 352 -12.94 22.67 17.55
C ILE A 352 -13.31 24.13 17.39
N THR A 353 -13.06 24.93 18.42
CA THR A 353 -13.41 26.34 18.38
C THR A 353 -12.68 27.06 17.23
N ASP A 354 -13.19 28.23 16.86
CA ASP A 354 -12.60 28.96 15.74
C ASP A 354 -11.16 29.38 16.01
N GLY A 355 -10.80 29.56 17.29
CA GLY A 355 -9.48 29.98 17.69
C GLY A 355 -8.59 28.87 18.21
N LEU A 356 -8.92 27.63 17.90
CA LEU A 356 -8.11 26.50 18.34
C LEU A 356 -6.91 26.38 17.42
N VAL A 357 -5.71 26.48 18.00
CA VAL A 357 -4.45 26.30 17.31
C VAL A 357 -3.85 24.97 17.74
N ARG A 358 -3.25 24.25 16.79
CA ARG A 358 -2.49 23.04 17.08
C ARG A 358 -1.05 23.24 16.60
N ILE A 359 -0.10 23.06 17.52
CA ILE A 359 1.32 23.07 17.16
C ILE A 359 1.85 21.65 17.30
N SER A 360 2.81 21.31 16.44
CA SER A 360 3.59 20.10 16.60
C SER A 360 5.04 20.56 16.85
N VAL A 361 5.50 20.38 18.08
CA VAL A 361 6.77 20.92 18.55
C VAL A 361 7.92 20.13 17.94
N GLY A 362 8.90 20.85 17.38
CA GLY A 362 10.05 20.24 16.74
C GLY A 362 11.29 20.28 17.62
N ILE A 363 12.44 20.05 16.98
CA ILE A 363 13.70 19.92 17.70
C ILE A 363 14.54 21.19 17.63
N GLU A 364 13.95 22.34 17.27
CA GLU A 364 14.66 23.62 17.37
C GLU A 364 14.97 23.93 18.82
N ASP A 365 15.76 24.99 19.04
CA ASP A 365 16.09 25.37 20.41
C ASP A 365 14.84 25.72 21.22
N THR A 366 14.80 25.24 22.46
CA THR A 366 13.61 25.45 23.30
C THR A 366 13.33 26.94 23.48
N GLU A 367 14.37 27.73 23.77
CA GLU A 367 14.16 29.16 23.99
C GLU A 367 13.68 29.86 22.72
N ASP A 368 14.19 29.46 21.56
CA ASP A 368 13.67 30.06 20.32
C ASP A 368 12.20 29.74 20.14
N LEU A 369 11.79 28.50 20.46
CA LEU A 369 10.40 28.11 20.26
C LEU A 369 9.48 28.82 21.24
N VAL A 370 9.86 28.86 22.53
CA VAL A 370 9.05 29.58 23.52
C VAL A 370 8.95 31.06 23.15
N ASP A 371 10.11 31.71 22.94
CA ASP A 371 10.14 33.13 22.63
C ASP A 371 9.33 33.46 21.39
N ASP A 372 9.49 32.68 20.32
CA ASP A 372 8.82 32.99 19.06
C ASP A 372 7.31 32.96 19.22
N LEU A 373 6.79 31.91 19.88
CA LEU A 373 5.35 31.83 20.07
C LEU A 373 4.85 32.94 20.99
N LYS A 374 5.63 33.30 22.01
CA LYS A 374 5.19 34.33 22.95
C LYS A 374 5.14 35.70 22.28
N GLN A 375 6.15 36.06 21.49
CA GLN A 375 6.08 37.34 20.80
C GLN A 375 4.90 37.36 19.84
N ALA A 376 4.58 36.22 19.21
CA ALA A 376 3.42 36.19 18.33
C ALA A 376 2.15 36.41 19.15
N LEU A 377 2.06 35.79 20.34
CA LEU A 377 0.86 35.99 21.13
C LEU A 377 0.79 37.40 21.68
N ASP A 378 1.93 38.06 21.86
CA ASP A 378 1.90 39.47 22.23
C ASP A 378 1.44 40.39 21.10
N THR A 379 1.39 39.92 19.84
CA THR A 379 0.86 40.77 18.79
C THR A 379 -0.66 40.85 18.85
N LEU A 380 -1.31 39.89 19.49
CA LEU A 380 -2.76 39.93 19.68
C LEU A 380 -3.08 40.90 20.81
N SER B 1 4.67 10.58 -31.22
CA SER B 1 3.72 10.07 -32.23
C SER B 1 3.71 8.56 -32.27
N ASN B 2 4.83 7.94 -32.68
CA ASN B 2 4.90 6.49 -32.74
C ASN B 2 5.27 5.93 -31.37
N LYS B 3 5.04 4.63 -31.19
CA LYS B 3 5.08 4.06 -29.85
C LYS B 3 6.44 4.26 -29.19
N LYS B 4 7.53 4.00 -29.92
CA LYS B 4 8.85 4.11 -29.32
C LYS B 4 9.15 5.55 -28.92
N THR B 5 8.54 6.50 -29.61
CA THR B 5 8.70 7.90 -29.25
C THR B 5 7.83 8.26 -28.07
N LYS B 6 6.57 7.81 -28.09
CA LYS B 6 5.65 8.01 -26.98
C LYS B 6 6.23 7.53 -25.65
N LEU B 7 6.94 6.41 -25.68
CA LEU B 7 7.58 5.89 -24.47
C LEU B 7 8.54 6.91 -23.88
N ILE B 8 9.23 7.65 -24.73
CA ILE B 8 10.24 8.59 -24.25
C ILE B 8 9.61 9.93 -23.86
N HIS B 9 8.68 10.44 -24.68
CA HIS B 9 8.19 11.80 -24.48
C HIS B 9 6.76 11.87 -23.97
N GLY B 10 6.05 10.75 -23.87
CA GLY B 10 4.71 10.77 -23.33
C GLY B 10 4.70 10.90 -21.82
N GLY B 11 3.69 11.63 -21.32
CA GLY B 11 3.59 11.89 -19.90
C GLY B 11 4.55 12.99 -19.49
N HIS B 12 4.39 13.45 -18.24
CA HIS B 12 5.27 14.47 -17.67
C HIS B 12 6.39 13.81 -16.87
N THR B 13 7.60 13.80 -17.44
CA THR B 13 8.73 13.12 -16.81
C THR B 13 9.98 13.99 -16.87
N THR B 14 9.79 15.29 -16.67
CA THR B 14 10.88 16.24 -16.54
C THR B 14 10.49 17.24 -15.45
N ASP B 15 11.45 18.07 -15.07
CA ASP B 15 11.24 19.06 -14.02
C ASP B 15 11.03 20.43 -14.64
N ASP B 16 9.84 20.99 -14.44
CA ASP B 16 9.56 22.32 -14.98
C ASP B 16 10.44 23.39 -14.34
N TYR B 17 10.66 23.31 -13.01
CA TYR B 17 11.47 24.26 -12.25
C TYR B 17 12.91 24.37 -12.77
N THR B 18 13.70 23.30 -12.61
CA THR B 18 15.12 23.33 -12.93
C THR B 18 15.40 22.92 -14.37
N GLY B 19 14.44 22.34 -15.06
CA GLY B 19 14.70 21.84 -16.39
C GLY B 19 15.36 20.48 -16.41
N ALA B 20 15.46 19.80 -15.26
CA ALA B 20 16.04 18.47 -15.21
C ALA B 20 15.34 17.52 -16.18
N VAL B 21 16.13 16.70 -16.87
CA VAL B 21 15.57 15.79 -17.87
C VAL B 21 14.87 14.57 -17.27
N THR B 22 14.94 14.37 -15.96
CA THR B 22 14.33 13.21 -15.35
C THR B 22 13.45 13.64 -14.17
N THR B 23 12.49 12.80 -13.83
CA THR B 23 11.57 13.14 -12.76
C THR B 23 12.30 13.20 -11.43
N PRO B 24 12.26 14.34 -10.71
CA PRO B 24 12.83 14.38 -9.37
C PRO B 24 12.18 13.37 -8.45
N ILE B 25 12.96 12.90 -7.49
CA ILE B 25 12.47 11.95 -6.51
C ILE B 25 12.06 12.78 -5.30
N TYR B 26 10.76 12.96 -5.12
CA TYR B 26 10.28 13.80 -4.01
C TYR B 26 10.08 12.96 -2.77
N GLN B 27 11.20 12.53 -2.19
CA GLN B 27 11.20 11.79 -0.94
C GLN B 27 10.79 12.75 0.18
N THR B 28 9.49 12.91 0.32
CA THR B 28 8.91 13.91 1.20
C THR B 28 7.51 13.48 1.59
N SER B 29 7.03 13.99 2.72
CA SER B 29 5.72 13.62 3.24
C SER B 29 4.72 14.77 3.25
N THR B 30 5.18 16.01 3.35
CA THR B 30 4.30 17.17 3.50
C THR B 30 4.91 18.37 2.75
N TYR B 31 4.09 19.40 2.56
CA TYR B 31 4.41 20.53 1.69
C TYR B 31 3.99 21.83 2.36
N LEU B 32 4.81 22.87 2.18
CA LEU B 32 4.52 24.17 2.80
C LEU B 32 3.31 24.80 2.13
N GLN B 33 2.47 25.46 2.93
CA GLN B 33 1.35 26.21 2.40
C GLN B 33 1.64 27.70 2.57
N ASP B 34 1.40 28.48 1.50
CA ASP B 34 1.66 29.92 1.57
C ASP B 34 0.62 30.63 2.44
N ASP B 35 -0.66 30.27 2.26
CA ASP B 35 -1.75 30.60 3.15
C ASP B 35 -2.55 29.32 3.40
N ILE B 36 -3.42 29.35 4.40
CA ILE B 36 -4.24 28.17 4.72
C ILE B 36 -5.04 27.75 3.51
N GLY B 37 -4.79 26.53 3.03
CA GLY B 37 -5.44 26.02 1.83
C GLY B 37 -4.79 26.41 0.51
N ASP B 38 -3.71 27.19 0.56
CA ASP B 38 -3.03 27.69 -0.65
C ASP B 38 -1.81 26.80 -0.92
N LEU B 39 -2.00 25.80 -1.79
CA LEU B 39 -0.93 24.89 -2.20
C LEU B 39 -0.24 25.42 -3.46
N ARG B 40 1.11 25.42 -3.44
CA ARG B 40 1.85 26.06 -4.53
C ARG B 40 1.71 25.31 -5.83
N GLN B 41 1.69 23.97 -5.78
CA GLN B 41 1.55 23.16 -6.98
C GLN B 41 0.46 22.11 -6.81
N GLY B 42 -0.38 22.26 -5.79
CA GLY B 42 -1.48 21.34 -5.54
C GLY B 42 -1.15 20.19 -4.62
N TYR B 43 0.01 20.21 -3.97
CA TYR B 43 0.44 19.14 -3.10
C TYR B 43 0.26 19.59 -1.66
N GLU B 44 -0.26 18.70 -0.82
CA GLU B 44 -0.40 19.04 0.59
C GLU B 44 -0.02 17.91 1.53
N TYR B 45 -0.15 16.66 1.11
CA TYR B 45 0.20 15.49 1.89
C TYR B 45 0.50 14.38 0.91
N SER B 46 1.58 13.63 1.18
CA SER B 46 2.11 12.76 0.14
C SER B 46 1.27 11.50 -0.05
N ARG B 47 0.50 11.09 0.96
CA ARG B 47 -0.48 10.03 0.73
C ARG B 47 -1.50 10.44 -0.31
N THR B 48 -1.93 11.70 -0.27
CA THR B 48 -2.91 12.18 -1.25
C THR B 48 -2.29 12.33 -2.63
N ALA B 49 -1.19 13.09 -2.74
CA ALA B 49 -0.46 13.21 -4.00
C ALA B 49 1.02 13.45 -3.70
N ASN B 50 1.87 13.05 -4.64
CA ASN B 50 3.34 13.19 -4.61
C ASN B 50 3.86 13.40 -6.04
N PRO B 51 4.65 14.44 -6.30
CA PRO B 51 5.01 14.76 -7.69
C PRO B 51 5.65 13.63 -8.47
N THR B 52 6.46 12.78 -7.81
CA THR B 52 7.06 11.66 -8.52
C THR B 52 6.02 10.60 -8.84
N ARG B 53 5.15 10.28 -7.88
CA ARG B 53 4.05 9.37 -8.17
C ARG B 53 3.16 9.91 -9.26
N SER B 54 2.87 11.22 -9.23
CA SER B 54 2.09 11.83 -10.29
C SER B 54 2.79 11.70 -11.63
N SER B 55 4.12 11.74 -11.63
CA SER B 55 4.84 11.51 -12.88
C SER B 55 4.54 10.13 -13.44
N VAL B 56 4.72 9.10 -12.61
CA VAL B 56 4.46 7.75 -13.14
C VAL B 56 3.00 7.60 -13.56
N GLU B 57 2.07 8.15 -12.75
CA GLU B 57 0.66 8.10 -13.09
C GLU B 57 0.38 8.74 -14.44
N SER B 58 0.99 9.90 -14.71
CA SER B 58 0.81 10.54 -16.00
C SER B 58 1.35 9.67 -17.13
N VAL B 59 2.46 8.95 -16.88
CA VAL B 59 3.00 8.09 -17.92
C VAL B 59 2.02 6.96 -18.25
N ILE B 60 1.53 6.26 -17.23
CA ILE B 60 0.65 5.11 -17.50
C ILE B 60 -0.67 5.58 -18.14
N ALA B 61 -1.18 6.74 -17.70
CA ALA B 61 -2.37 7.29 -18.33
C ALA B 61 -2.11 7.59 -19.81
N THR B 62 -0.98 8.22 -20.11
CA THR B 62 -0.70 8.52 -21.50
C THR B 62 -0.56 7.26 -22.32
N LEU B 63 0.13 6.26 -21.77
CA LEU B 63 0.42 5.06 -22.55
C LEU B 63 -0.83 4.24 -22.82
N GLU B 64 -1.78 4.23 -21.89
CA GLU B 64 -3.01 3.49 -22.08
C GLU B 64 -4.12 4.34 -22.69
N ASN B 65 -3.79 5.53 -23.20
CA ASN B 65 -4.75 6.43 -23.83
C ASN B 65 -5.95 6.68 -22.93
N GLY B 66 -5.72 6.71 -21.62
CA GLY B 66 -6.71 7.16 -20.67
C GLY B 66 -6.40 8.56 -20.15
N LYS B 67 -7.19 8.98 -19.17
CA LYS B 67 -7.04 10.30 -18.59
C LYS B 67 -6.48 10.28 -17.17
N HIS B 68 -6.57 9.17 -16.46
CA HIS B 68 -6.22 9.13 -15.05
C HIS B 68 -5.36 7.92 -14.77
N GLY B 69 -4.22 8.16 -14.12
CA GLY B 69 -3.33 7.12 -13.66
C GLY B 69 -3.35 7.03 -12.14
N PHE B 70 -3.02 5.85 -11.63
CA PHE B 70 -2.97 5.59 -10.20
C PHE B 70 -1.84 4.61 -9.95
N ALA B 71 -1.02 4.89 -8.93
CA ALA B 71 0.12 4.05 -8.58
C ALA B 71 -0.08 3.43 -7.21
N PHE B 72 -0.05 2.11 -7.13
CA PHE B 72 -0.27 1.40 -5.89
C PHE B 72 0.98 0.63 -5.50
N SER B 73 1.07 0.28 -4.20
CA SER B 73 2.25 -0.38 -3.65
C SER B 73 2.55 -1.73 -4.27
N SER B 74 1.66 -2.27 -5.11
CA SER B 74 1.70 -3.61 -5.67
C SER B 74 0.52 -3.76 -6.61
N GLY B 75 0.64 -4.69 -7.57
CA GLY B 75 -0.50 -5.01 -8.42
C GLY B 75 -1.69 -5.53 -7.63
N VAL B 76 -1.41 -6.41 -6.68
CA VAL B 76 -2.46 -6.88 -5.78
C VAL B 76 -3.16 -5.71 -5.08
N ALA B 77 -2.42 -4.66 -4.75
CA ALA B 77 -3.06 -3.49 -4.13
C ALA B 77 -3.91 -2.72 -5.13
N ALA B 78 -3.51 -2.69 -6.40
CA ALA B 78 -4.37 -2.09 -7.42
C ALA B 78 -5.67 -2.89 -7.54
N ILE B 79 -5.54 -4.22 -7.58
CA ILE B 79 -6.71 -5.07 -7.67
C ILE B 79 -7.62 -4.85 -6.47
N SER B 80 -7.04 -4.79 -5.26
CA SER B 80 -7.84 -4.51 -4.07
C SER B 80 -8.58 -3.20 -4.21
N ALA B 81 -7.88 -2.14 -4.62
CA ALA B 81 -8.53 -0.84 -4.76
C ALA B 81 -9.69 -0.90 -5.75
N VAL B 82 -9.50 -1.62 -6.85
CA VAL B 82 -10.58 -1.71 -7.83
C VAL B 82 -11.76 -2.51 -7.26
N VAL B 83 -11.47 -3.61 -6.55
CA VAL B 83 -12.56 -4.44 -6.01
C VAL B 83 -13.32 -3.66 -4.94
N MET B 84 -12.64 -2.73 -4.26
CA MET B 84 -13.33 -1.93 -3.25
C MET B 84 -14.27 -0.88 -3.87
N LEU B 85 -14.38 -0.84 -5.20
CA LEU B 85 -15.47 -0.10 -5.83
C LEU B 85 -16.83 -0.75 -5.52
N LEU B 86 -16.85 -2.01 -5.09
CA LEU B 86 -18.09 -2.71 -4.87
C LEU B 86 -18.44 -2.70 -3.39
N ASP B 87 -19.71 -3.05 -3.11
CA ASP B 87 -20.26 -3.10 -1.78
C ASP B 87 -20.63 -4.52 -1.44
N LYS B 88 -20.88 -4.77 -0.16
CA LYS B 88 -21.41 -6.05 0.28
C LYS B 88 -22.67 -6.39 -0.52
N GLY B 89 -22.73 -7.62 -1.02
CA GLY B 89 -23.84 -8.05 -1.84
C GLY B 89 -23.60 -7.97 -3.33
N ASP B 90 -22.65 -7.15 -3.78
CA ASP B 90 -22.34 -7.07 -5.20
C ASP B 90 -21.62 -8.34 -5.66
N HIS B 91 -21.73 -8.60 -6.96
CA HIS B 91 -21.23 -9.82 -7.57
C HIS B 91 -20.27 -9.43 -8.67
N ILE B 92 -19.16 -10.14 -8.76
CA ILE B 92 -18.16 -9.87 -9.77
C ILE B 92 -17.91 -11.15 -10.56
N ILE B 93 -17.70 -11.00 -11.86
CA ILE B 93 -17.35 -12.10 -12.75
C ILE B 93 -15.89 -11.93 -13.16
N LEU B 94 -15.12 -13.02 -13.01
CA LEU B 94 -13.74 -13.07 -13.48
C LEU B 94 -13.59 -14.22 -14.46
N ASN B 95 -12.54 -14.15 -15.25
CA ASN B 95 -12.25 -15.23 -16.18
C ASN B 95 -11.64 -16.41 -15.42
N SER B 96 -11.85 -17.61 -15.96
CA SER B 96 -11.58 -18.87 -15.26
C SER B 96 -10.10 -19.13 -15.02
N ASP B 97 -9.18 -18.50 -15.76
CA ASP B 97 -7.74 -18.64 -15.50
C ASP B 97 -7.18 -17.33 -14.97
N VAL B 98 -6.87 -17.28 -13.68
CA VAL B 98 -6.46 -16.04 -13.03
C VAL B 98 -5.18 -16.26 -12.22
N TYR B 99 -4.38 -15.20 -12.07
CA TYR B 99 -3.19 -15.28 -11.24
C TYR B 99 -3.56 -15.79 -9.85
N GLY B 100 -2.76 -16.75 -9.36
CA GLY B 100 -2.93 -17.33 -8.04
C GLY B 100 -3.35 -16.32 -6.98
N GLY B 101 -2.65 -15.19 -6.90
CA GLY B 101 -2.95 -14.23 -5.85
C GLY B 101 -4.23 -13.46 -6.05
N THR B 102 -4.63 -13.22 -7.29
CA THR B 102 -5.94 -12.62 -7.51
C THR B 102 -7.04 -13.57 -7.02
N TYR B 103 -6.91 -14.85 -7.36
CA TYR B 103 -7.83 -15.85 -6.83
C TYR B 103 -7.84 -15.84 -5.31
N ARG B 104 -6.66 -15.90 -4.70
CA ARG B 104 -6.59 -15.91 -3.25
C ARG B 104 -7.26 -14.68 -2.65
N ALA B 105 -7.05 -13.51 -3.25
CA ALA B 105 -7.57 -12.28 -2.66
C ALA B 105 -9.08 -12.23 -2.76
N LEU B 106 -9.63 -12.59 -3.93
CA LEU B 106 -11.09 -12.52 -4.09
C LEU B 106 -11.81 -13.62 -3.32
N THR B 107 -11.23 -14.81 -3.22
CA THR B 107 -11.96 -15.90 -2.59
C THR B 107 -11.71 -16.00 -1.09
N LYS B 108 -10.55 -15.54 -0.58
CA LYS B 108 -10.24 -15.67 0.84
C LYS B 108 -10.29 -14.36 1.60
N VAL B 109 -10.51 -13.23 0.92
CA VAL B 109 -10.59 -11.94 1.58
C VAL B 109 -11.91 -11.25 1.25
N PHE B 110 -12.13 -10.89 -0.01
CA PHE B 110 -13.29 -10.05 -0.30
C PHE B 110 -14.61 -10.80 -0.16
N THR B 111 -14.60 -12.14 -0.23
CA THR B 111 -15.83 -12.86 0.09
C THR B 111 -16.23 -12.63 1.55
N ARG B 112 -15.24 -12.55 2.45
CA ARG B 112 -15.56 -12.27 3.85
C ARG B 112 -16.24 -10.94 4.00
N PHE B 113 -16.15 -10.06 3.00
CA PHE B 113 -16.84 -8.78 3.06
C PHE B 113 -18.14 -8.82 2.27
N GLY B 114 -18.65 -10.01 1.99
CA GLY B 114 -19.91 -10.15 1.29
C GLY B 114 -19.87 -9.84 -0.18
N ILE B 115 -18.71 -9.90 -0.80
CA ILE B 115 -18.59 -9.73 -2.25
C ILE B 115 -18.58 -11.11 -2.86
N GLU B 116 -19.50 -11.34 -3.81
CA GLU B 116 -19.64 -12.64 -4.45
C GLU B 116 -18.81 -12.70 -5.73
N VAL B 117 -18.17 -13.83 -5.95
CA VAL B 117 -17.31 -13.99 -7.11
C VAL B 117 -17.68 -15.29 -7.81
N ASP B 118 -17.67 -15.25 -9.13
CA ASP B 118 -17.84 -16.44 -9.96
C ASP B 118 -16.76 -16.39 -11.03
N PHE B 119 -16.05 -17.49 -11.22
CA PHE B 119 -15.07 -17.59 -12.28
C PHE B 119 -15.72 -18.28 -13.48
N VAL B 120 -15.64 -17.64 -14.63
CA VAL B 120 -16.44 -17.99 -15.80
C VAL B 120 -15.50 -18.11 -16.98
N ASP B 121 -15.76 -19.07 -17.87
CA ASP B 121 -14.84 -19.19 -19.02
C ASP B 121 -15.22 -18.14 -20.04
N THR B 122 -14.50 -17.03 -20.00
CA THR B 122 -14.79 -15.90 -20.88
C THR B 122 -14.20 -16.05 -22.28
N THR B 123 -13.48 -17.14 -22.57
CA THR B 123 -13.05 -17.36 -23.94
C THR B 123 -14.24 -17.39 -24.89
N HIS B 124 -15.43 -17.69 -24.39
CA HIS B 124 -16.66 -17.51 -25.13
C HIS B 124 -17.45 -16.42 -24.40
N THR B 125 -17.47 -15.23 -24.98
CA THR B 125 -18.08 -14.09 -24.30
C THR B 125 -19.52 -14.37 -23.86
N ASP B 126 -20.27 -15.16 -24.61
CA ASP B 126 -21.67 -15.34 -24.22
C ASP B 126 -21.82 -16.05 -22.88
N SER B 127 -20.79 -16.77 -22.42
CA SER B 127 -20.85 -17.34 -21.08
C SER B 127 -20.96 -16.25 -20.03
N ILE B 128 -20.41 -15.06 -20.30
CA ILE B 128 -20.58 -13.92 -19.40
C ILE B 128 -22.05 -13.57 -19.27
N VAL B 129 -22.77 -13.52 -20.39
CA VAL B 129 -24.15 -13.09 -20.35
C VAL B 129 -24.98 -14.03 -19.48
N GLN B 130 -24.77 -15.34 -19.62
CA GLN B 130 -25.47 -16.26 -18.73
C GLN B 130 -25.05 -16.05 -17.27
N ALA B 131 -23.77 -15.74 -17.03
CA ALA B 131 -23.28 -15.65 -15.65
C ALA B 131 -23.75 -14.38 -14.94
N ILE B 132 -24.18 -13.37 -15.70
CA ILE B 132 -24.60 -12.12 -15.08
C ILE B 132 -25.82 -12.37 -14.20
N ARG B 133 -25.69 -12.04 -12.93
CA ARG B 133 -26.79 -12.02 -11.98
C ARG B 133 -27.35 -10.63 -11.87
N PRO B 134 -28.48 -10.45 -11.19
CA PRO B 134 -28.94 -9.08 -10.95
C PRO B 134 -28.02 -8.29 -10.01
N THR B 135 -27.25 -8.96 -9.15
CA THR B 135 -26.26 -8.31 -8.30
C THR B 135 -24.87 -8.17 -8.94
N THR B 136 -24.72 -8.48 -10.22
CA THR B 136 -23.40 -8.37 -10.84
C THR B 136 -23.09 -6.91 -11.13
N LYS B 137 -21.96 -6.42 -10.63
CA LYS B 137 -21.57 -5.04 -10.81
C LYS B 137 -20.23 -4.87 -11.54
N MET B 138 -19.40 -5.93 -11.63
CA MET B 138 -18.06 -5.81 -12.20
C MET B 138 -17.69 -7.05 -13.00
N LEU B 139 -17.03 -6.84 -14.14
CA LEU B 139 -16.44 -7.88 -14.96
C LEU B 139 -14.93 -7.68 -15.01
N PHE B 140 -14.16 -8.73 -14.75
CA PHE B 140 -12.71 -8.64 -14.57
C PHE B 140 -12.00 -9.71 -15.40
N ILE B 141 -11.11 -9.28 -16.29
CA ILE B 141 -10.55 -10.18 -17.31
C ILE B 141 -9.04 -10.02 -17.39
N GLU B 142 -8.30 -11.12 -17.26
CA GLU B 142 -6.91 -11.19 -17.69
C GLU B 142 -6.90 -11.69 -19.12
N THR B 143 -6.04 -11.09 -19.98
CA THR B 143 -5.92 -11.66 -21.31
C THR B 143 -4.63 -11.21 -21.97
N PRO B 144 -3.73 -12.15 -22.30
CA PRO B 144 -3.89 -13.57 -22.00
C PRO B 144 -3.75 -13.87 -20.52
N SER B 145 -4.14 -15.06 -20.11
CA SER B 145 -4.21 -15.37 -18.69
C SER B 145 -2.91 -15.94 -18.15
N ASN B 146 -2.78 -15.91 -16.83
CA ASN B 146 -1.65 -16.49 -16.13
C ASN B 146 -2.10 -17.79 -15.45
N PRO B 147 -1.50 -18.96 -15.77
CA PRO B 147 -0.40 -19.19 -16.71
C PRO B 147 -0.75 -19.85 -18.05
N LEU B 148 -2.02 -20.04 -18.39
CA LEU B 148 -2.37 -20.80 -19.59
C LEU B 148 -2.54 -19.94 -20.83
N LEU B 149 -2.45 -18.62 -20.71
CA LEU B 149 -2.53 -17.69 -21.83
C LEU B 149 -3.83 -17.87 -22.63
N ARG B 150 -4.95 -17.84 -21.91
CA ARG B 150 -6.26 -17.91 -22.55
C ARG B 150 -6.63 -16.53 -23.01
N VAL B 151 -7.13 -16.44 -24.23
CA VAL B 151 -7.50 -15.15 -24.81
C VAL B 151 -8.98 -14.89 -24.61
N THR B 152 -9.32 -13.64 -24.28
CA THR B 152 -10.70 -13.18 -24.15
C THR B 152 -10.91 -11.97 -25.05
N ASP B 153 -12.10 -11.89 -25.65
CA ASP B 153 -12.41 -10.79 -26.57
C ASP B 153 -12.70 -9.53 -25.75
N ILE B 154 -11.75 -8.59 -25.76
CA ILE B 154 -11.86 -7.40 -24.92
C ILE B 154 -12.99 -6.51 -25.40
N LYS B 155 -13.05 -6.23 -26.71
CA LYS B 155 -14.11 -5.38 -27.25
C LYS B 155 -15.49 -5.96 -26.96
N LYS B 156 -15.64 -7.28 -27.13
CA LYS B 156 -16.92 -7.92 -26.85
C LYS B 156 -17.27 -7.85 -25.37
N SER B 157 -16.29 -8.11 -24.49
CA SER B 157 -16.60 -8.04 -23.07
C SER B 157 -16.93 -6.61 -22.63
N ALA B 158 -16.32 -5.61 -23.28
CA ALA B 158 -16.67 -4.23 -23.00
C ALA B 158 -18.10 -3.94 -23.43
N GLU B 159 -18.49 -4.40 -24.64
CA GLU B 159 -19.85 -4.19 -25.10
C GLU B 159 -20.84 -4.80 -24.12
N ILE B 160 -20.60 -6.05 -23.71
CA ILE B 160 -21.46 -6.72 -22.73
C ILE B 160 -21.57 -5.90 -21.45
N ALA B 161 -20.42 -5.47 -20.90
CA ALA B 161 -20.41 -4.73 -19.65
C ALA B 161 -21.19 -3.42 -19.76
N LYS B 162 -20.99 -2.70 -20.88
CA LYS B 162 -21.76 -1.48 -21.11
C LYS B 162 -23.25 -1.78 -21.12
N GLU B 163 -23.65 -2.86 -21.82
CA GLU B 163 -25.06 -3.14 -21.99
C GLU B 163 -25.71 -3.60 -20.70
N HIS B 164 -24.96 -4.20 -19.78
CA HIS B 164 -25.53 -4.62 -18.51
C HIS B 164 -25.15 -3.71 -17.33
N GLY B 165 -24.42 -2.64 -17.56
CA GLY B 165 -24.06 -1.72 -16.50
C GLY B 165 -22.97 -2.23 -15.57
N LEU B 166 -22.00 -2.94 -16.10
CA LEU B 166 -20.91 -3.44 -15.27
C LEU B 166 -19.66 -2.59 -15.49
N ILE B 167 -18.85 -2.48 -14.44
CA ILE B 167 -17.52 -1.92 -14.57
C ILE B 167 -16.63 -2.97 -15.21
N SER B 168 -16.10 -2.69 -16.41
CA SER B 168 -15.19 -3.63 -17.05
C SER B 168 -13.75 -3.30 -16.66
N VAL B 169 -13.02 -4.31 -16.23
CA VAL B 169 -11.64 -4.20 -15.77
C VAL B 169 -10.83 -5.23 -16.55
N VAL B 170 -9.78 -4.77 -17.22
CA VAL B 170 -8.83 -5.69 -17.84
C VAL B 170 -7.48 -5.56 -17.14
N ASP B 171 -6.83 -6.70 -16.91
CA ASP B 171 -5.55 -6.81 -16.22
C ASP B 171 -4.56 -7.06 -17.35
N ASN B 172 -3.99 -5.97 -17.85
CA ASN B 172 -3.15 -5.95 -19.05
C ASN B 172 -1.70 -6.28 -18.75
N THR B 173 -1.43 -6.93 -17.61
CA THR B 173 -0.04 -7.12 -17.17
C THR B 173 0.79 -7.85 -18.22
N PHE B 174 0.25 -8.92 -18.79
CA PHE B 174 1.04 -9.75 -19.70
C PHE B 174 1.32 -9.07 -21.03
N MET B 175 0.51 -8.11 -21.45
CA MET B 175 0.67 -7.52 -22.78
C MET B 175 1.40 -6.20 -22.77
N THR B 176 1.28 -5.41 -21.68
CA THR B 176 1.81 -4.06 -21.53
C THR B 176 1.08 -3.11 -22.46
N PRO B 177 1.07 -1.80 -22.17
CA PRO B 177 0.42 -0.87 -23.10
C PRO B 177 1.09 -0.82 -24.46
N TYR B 178 2.28 -1.41 -24.60
CA TYR B 178 2.96 -1.34 -25.89
C TYR B 178 2.23 -2.12 -26.95
N TYR B 179 1.47 -3.16 -26.56
CA TYR B 179 0.88 -4.09 -27.51
C TYR B 179 -0.64 -4.17 -27.46
N GLN B 180 -1.26 -3.83 -26.34
CA GLN B 180 -2.70 -3.98 -26.12
C GLN B 180 -3.19 -2.82 -25.29
N ASN B 181 -4.28 -2.18 -25.71
CA ASN B 181 -4.79 -1.00 -25.01
C ASN B 181 -6.27 -1.19 -24.75
N PRO B 182 -6.63 -1.81 -23.63
CA PRO B 182 -8.05 -2.13 -23.38
C PRO B 182 -8.96 -0.91 -23.35
N LEU B 183 -8.50 0.24 -22.85
CA LEU B 183 -9.38 1.41 -22.82
C LEU B 183 -9.85 1.79 -24.22
N ASP B 184 -8.99 1.64 -25.22
CA ASP B 184 -9.33 1.95 -26.61
C ASP B 184 -10.41 1.02 -27.17
N LEU B 185 -10.73 -0.07 -26.49
CA LEU B 185 -11.76 -1.00 -26.93
C LEU B 185 -12.98 -0.97 -26.06
N GLY B 186 -13.12 0.07 -25.22
CA GLY B 186 -14.33 0.24 -24.43
C GLY B 186 -14.24 -0.18 -22.99
N ILE B 187 -13.11 -0.76 -22.56
CA ILE B 187 -12.97 -1.15 -21.17
C ILE B 187 -12.93 0.09 -20.29
N ASP B 188 -13.47 -0.04 -19.08
CA ASP B 188 -13.54 1.07 -18.15
C ASP B 188 -12.21 1.29 -17.40
N ILE B 189 -11.58 0.22 -16.90
CA ILE B 189 -10.38 0.32 -16.08
C ILE B 189 -9.35 -0.68 -16.58
N VAL B 190 -8.10 -0.24 -16.71
CA VAL B 190 -6.99 -1.14 -17.09
C VAL B 190 -5.96 -1.15 -15.96
N LEU B 191 -5.48 -2.35 -15.65
CA LEU B 191 -4.67 -2.62 -14.47
C LEU B 191 -3.37 -3.30 -14.88
N HIS B 192 -2.31 -3.03 -14.13
CA HIS B 192 -1.02 -3.69 -14.35
C HIS B 192 -0.36 -4.01 -13.03
N SER B 193 0.25 -5.18 -12.96
CA SER B 193 1.32 -5.42 -12.02
C SER B 193 2.54 -4.77 -12.66
N ALA B 194 2.82 -3.52 -12.27
CA ALA B 194 4.00 -2.87 -12.80
C ALA B 194 5.28 -3.55 -12.37
N THR B 195 5.19 -4.50 -11.44
CA THR B 195 6.34 -5.30 -11.04
C THR B 195 6.99 -6.01 -12.21
N LYS B 196 6.23 -6.25 -13.28
CA LYS B 196 6.67 -7.08 -14.40
C LYS B 196 7.29 -6.25 -15.52
N TYR B 197 6.66 -6.21 -16.70
CA TYR B 197 7.32 -5.64 -17.88
C TYR B 197 7.57 -4.16 -17.71
N LEU B 198 6.63 -3.43 -17.12
CA LEU B 198 6.77 -1.98 -17.03
C LEU B 198 8.04 -1.61 -16.26
N GLY B 199 8.12 -1.98 -14.99
CA GLY B 199 9.37 -1.79 -14.26
C GLY B 199 10.56 -2.41 -14.98
N GLY B 200 10.40 -3.64 -15.45
CA GLY B 200 11.34 -4.26 -16.37
C GLY B 200 12.61 -4.82 -15.77
N HIS B 201 12.97 -4.47 -14.52
CA HIS B 201 14.29 -4.82 -14.03
C HIS B 201 14.27 -5.59 -12.70
N SER B 202 13.15 -6.23 -12.37
CA SER B 202 13.03 -7.09 -11.19
C SER B 202 13.38 -6.33 -9.92
N ASP B 203 13.13 -5.04 -9.89
CA ASP B 203 13.62 -4.26 -8.77
C ASP B 203 12.56 -3.36 -8.18
N VAL B 204 11.33 -3.45 -8.66
CA VAL B 204 10.22 -2.66 -8.14
C VAL B 204 9.01 -3.57 -8.09
N VAL B 205 8.31 -3.54 -6.96
CA VAL B 205 6.99 -4.14 -6.80
C VAL B 205 5.98 -3.00 -6.76
N ALA B 206 5.08 -2.95 -7.75
CA ALA B 206 4.17 -1.82 -7.90
C ALA B 206 2.99 -2.19 -8.78
N GLY B 207 1.90 -1.45 -8.61
CA GLY B 207 0.74 -1.56 -9.48
C GLY B 207 0.38 -0.23 -10.13
N LEU B 208 -0.20 -0.32 -11.32
CA LEU B 208 -0.67 0.88 -12.01
C LEU B 208 -2.08 0.65 -12.53
N VAL B 209 -2.89 1.71 -12.53
CA VAL B 209 -4.28 1.66 -12.96
C VAL B 209 -4.55 2.89 -13.84
N ALA B 210 -5.35 2.71 -14.89
CA ALA B 210 -5.66 3.83 -15.78
C ALA B 210 -7.11 3.76 -16.25
N THR B 211 -7.78 4.92 -16.25
CA THR B 211 -9.15 5.02 -16.72
C THR B 211 -9.37 6.37 -17.42
N SER B 212 -10.42 6.44 -18.26
CA SER B 212 -10.89 7.73 -18.77
C SER B 212 -12.18 8.17 -18.11
N ASP B 213 -12.77 7.34 -17.27
CA ASP B 213 -14.02 7.64 -16.61
C ASP B 213 -13.75 8.60 -15.46
N ASP B 214 -14.27 9.82 -15.55
CA ASP B 214 -14.01 10.80 -14.50
C ASP B 214 -14.55 10.33 -13.14
N LYS B 215 -15.74 9.72 -13.12
CA LYS B 215 -16.31 9.39 -11.80
C LYS B 215 -15.70 8.11 -11.24
N LEU B 216 -15.35 7.15 -12.10
CA LEU B 216 -14.56 6.02 -11.62
C LEU B 216 -13.21 6.51 -11.10
N ALA B 217 -12.59 7.46 -11.80
CA ALA B 217 -11.32 8.02 -11.32
C ALA B 217 -11.50 8.66 -9.95
N GLU B 218 -12.62 9.35 -9.73
CA GLU B 218 -12.81 10.00 -8.44
C GLU B 218 -12.99 8.98 -7.32
N ARG B 219 -13.75 7.91 -7.58
CA ARG B 219 -13.92 6.88 -6.58
C ARG B 219 -12.60 6.15 -6.29
N LEU B 220 -11.82 5.87 -7.35
CA LEU B 220 -10.49 5.27 -7.16
C LEU B 220 -9.59 6.18 -6.32
N ALA B 221 -9.57 7.48 -6.63
CA ALA B 221 -8.77 8.40 -5.82
C ALA B 221 -9.21 8.36 -4.36
N PHE B 222 -10.52 8.36 -4.11
CA PHE B 222 -11.01 8.29 -2.72
C PHE B 222 -10.58 6.99 -2.05
N ILE B 223 -10.65 5.87 -2.77
CA ILE B 223 -10.22 4.61 -2.18
C ILE B 223 -8.73 4.62 -1.88
N SER B 224 -7.91 5.03 -2.86
CA SER B 224 -6.47 5.07 -2.64
C SER B 224 -6.13 5.96 -1.47
N ASN B 225 -6.84 7.09 -1.35
CA ASN B 225 -6.50 8.02 -0.29
C ASN B 225 -6.97 7.52 1.07
N SER B 226 -8.02 6.70 1.10
CA SER B 226 -8.58 6.27 2.39
C SER B 226 -8.04 4.93 2.87
N THR B 227 -7.44 4.13 1.98
CA THR B 227 -6.79 2.88 2.35
C THR B 227 -5.26 2.90 2.18
N GLY B 228 -4.73 3.79 1.36
CA GLY B 228 -3.32 4.16 1.47
C GLY B 228 -2.31 3.18 0.90
N GLY B 229 -2.71 2.37 -0.07
CA GLY B 229 -1.75 1.45 -0.66
C GLY B 229 -1.07 2.11 -1.82
N ILE B 230 -0.43 3.23 -1.54
CA ILE B 230 0.17 4.10 -2.53
C ILE B 230 1.60 3.66 -2.80
N LEU B 231 2.04 3.88 -4.05
CA LEU B 231 3.42 3.63 -4.45
C LEU B 231 4.32 4.77 -3.97
N GLY B 232 5.46 4.42 -3.35
CA GLY B 232 6.43 5.39 -2.89
C GLY B 232 7.18 6.11 -4.02
N PRO B 233 7.80 7.24 -3.69
CA PRO B 233 8.41 8.05 -4.76
C PRO B 233 9.60 7.38 -5.42
N GLN B 234 10.46 6.72 -4.64
CA GLN B 234 11.60 6.04 -5.24
C GLN B 234 11.16 4.93 -6.22
N ASP B 235 10.15 4.16 -5.84
CA ASP B 235 9.67 3.14 -6.76
C ASP B 235 8.98 3.77 -7.96
N SER B 236 8.31 4.90 -7.76
CA SER B 236 7.67 5.58 -8.89
C SER B 236 8.71 6.03 -9.89
N TYR B 237 9.83 6.58 -9.38
CA TYR B 237 10.92 6.99 -10.26
C TYR B 237 11.46 5.80 -11.04
N LEU B 238 11.76 4.70 -10.33
CA LEU B 238 12.33 3.52 -11.00
C LEU B 238 11.36 2.96 -12.02
N LEU B 239 10.07 3.12 -11.78
CA LEU B 239 9.07 2.69 -12.75
C LEU B 239 9.14 3.53 -14.02
N VAL B 240 9.18 4.86 -13.88
CA VAL B 240 9.34 5.73 -15.06
C VAL B 240 10.58 5.33 -15.86
N ARG B 241 11.72 5.24 -15.16
CA ARG B 241 12.97 4.85 -15.79
C ARG B 241 12.80 3.55 -16.57
N GLY B 242 12.23 2.54 -15.91
CA GLY B 242 12.01 1.27 -16.58
C GLY B 242 11.13 1.41 -17.81
N ILE B 243 10.07 2.21 -17.70
CA ILE B 243 9.11 2.27 -18.80
C ILE B 243 9.78 2.83 -20.05
N LYS B 244 10.83 3.64 -19.88
CA LYS B 244 11.53 4.16 -21.05
C LYS B 244 11.96 3.05 -22.03
N THR B 245 12.50 1.95 -21.53
CA THR B 245 13.02 0.91 -22.42
C THR B 245 11.98 -0.13 -22.81
N LEU B 246 10.70 0.11 -22.48
CA LEU B 246 9.67 -0.92 -22.61
C LEU B 246 9.52 -1.43 -24.03
N GLY B 247 9.40 -0.53 -25.00
CA GLY B 247 9.29 -0.96 -26.39
C GLY B 247 10.48 -1.79 -26.86
N LEU B 248 11.70 -1.29 -26.60
CA LEU B 248 12.88 -2.04 -27.03
C LEU B 248 12.90 -3.42 -26.39
N ARG B 249 12.54 -3.50 -25.12
CA ARG B 249 12.57 -4.78 -24.40
C ARG B 249 11.51 -5.73 -24.95
N MET B 250 10.27 -5.25 -25.12
CA MET B 250 9.22 -6.11 -25.65
C MET B 250 9.58 -6.60 -27.05
N GLU B 251 10.28 -5.79 -27.84
CA GLU B 251 10.54 -6.22 -29.21
C GLU B 251 11.63 -7.28 -29.25
N GLN B 252 12.64 -7.14 -28.40
CA GLN B 252 13.58 -8.24 -28.24
C GLN B 252 12.86 -9.50 -27.77
N ILE B 253 12.04 -9.36 -26.73
CA ILE B 253 11.33 -10.50 -26.18
C ILE B 253 10.52 -11.20 -27.26
N ASN B 254 9.84 -10.43 -28.12
CA ASN B 254 8.99 -11.04 -29.14
C ASN B 254 9.83 -11.79 -30.16
N ARG B 255 10.95 -11.19 -30.57
CA ARG B 255 11.85 -11.88 -31.49
C ARG B 255 12.25 -13.23 -30.92
N SER B 256 12.60 -13.26 -29.63
CA SER B 256 13.01 -14.52 -28.99
C SER B 256 11.85 -15.50 -28.82
N VAL B 257 10.67 -14.97 -28.48
CA VAL B 257 9.49 -15.80 -28.26
C VAL B 257 9.21 -16.65 -29.50
N ILE B 258 9.26 -16.02 -30.69
CA ILE B 258 8.92 -16.75 -31.91
C ILE B 258 9.80 -17.97 -32.10
N GLU B 259 11.11 -17.78 -31.98
CA GLU B 259 12.03 -18.89 -32.17
C GLU B 259 11.88 -19.94 -31.08
N ILE B 260 11.66 -19.50 -29.83
CA ILE B 260 11.53 -20.45 -28.72
C ILE B 260 10.29 -21.31 -28.91
N ILE B 261 9.21 -20.72 -29.40
CA ILE B 261 8.00 -21.51 -29.61
C ILE B 261 8.21 -22.53 -30.73
N LYS B 262 8.84 -22.16 -31.85
CA LYS B 262 9.08 -23.20 -32.86
C LYS B 262 9.92 -24.33 -32.29
N MET B 263 10.93 -23.99 -31.48
CA MET B 263 11.74 -25.02 -30.85
C MET B 263 10.89 -25.92 -29.99
N LEU B 264 10.01 -25.34 -29.16
CA LEU B 264 9.21 -26.12 -28.23
C LEU B 264 8.21 -27.01 -28.97
N GLN B 265 7.55 -26.47 -30.01
CA GLN B 265 6.60 -27.27 -30.78
C GLN B 265 7.29 -28.47 -31.42
N ALA B 266 8.55 -28.32 -31.84
CA ALA B 266 9.26 -29.46 -32.42
C ALA B 266 9.90 -30.39 -31.38
N HIS B 267 9.92 -30.02 -30.12
CA HIS B 267 10.78 -30.89 -29.31
C HIS B 267 10.05 -32.13 -28.80
N PRO B 268 10.77 -33.26 -28.71
CA PRO B 268 10.11 -34.51 -28.29
C PRO B 268 9.70 -34.54 -26.83
N ALA B 269 10.48 -33.97 -25.92
CA ALA B 269 10.13 -33.98 -24.50
C ALA B 269 9.06 -32.96 -24.14
N VAL B 270 8.56 -32.19 -25.11
CA VAL B 270 7.57 -31.15 -24.87
C VAL B 270 6.23 -31.59 -25.46
N GLN B 271 5.20 -31.62 -24.62
CA GLN B 271 3.87 -32.01 -25.06
C GLN B 271 3.11 -30.79 -25.58
N GLN B 272 2.13 -30.29 -24.84
CA GLN B 272 1.31 -29.14 -25.26
C GLN B 272 2.06 -27.82 -25.09
N VAL B 273 1.76 -26.85 -25.97
CA VAL B 273 2.36 -25.52 -25.85
C VAL B 273 1.26 -24.46 -25.82
N PHE B 274 1.34 -23.55 -24.87
CA PHE B 274 0.35 -22.51 -24.66
C PHE B 274 0.96 -21.14 -24.98
N HIS B 275 0.48 -20.51 -26.05
CA HIS B 275 0.85 -19.13 -26.34
C HIS B 275 -0.06 -18.57 -27.44
N PRO B 276 -0.60 -17.36 -27.29
CA PRO B 276 -1.55 -16.86 -28.28
C PRO B 276 -0.97 -16.70 -29.69
N SER B 277 0.34 -16.80 -29.87
CA SER B 277 0.91 -16.65 -31.20
C SER B 277 0.65 -17.89 -32.06
N ILE B 278 0.29 -19.01 -31.43
CA ILE B 278 0.09 -20.27 -32.13
C ILE B 278 -1.28 -20.25 -32.80
N GLU B 279 -1.32 -20.62 -34.09
CA GLU B 279 -2.56 -20.47 -34.85
C GLU B 279 -3.66 -21.40 -34.36
N SER B 280 -3.30 -22.55 -33.79
CA SER B 280 -4.31 -23.44 -33.23
C SER B 280 -4.76 -23.04 -31.84
N HIS B 281 -4.10 -22.05 -31.23
CA HIS B 281 -4.47 -21.59 -29.91
C HIS B 281 -5.85 -20.95 -29.95
N LEU B 282 -6.68 -21.29 -28.95
CA LEU B 282 -8.03 -20.76 -28.87
C LEU B 282 -8.03 -19.23 -28.87
N ASN B 283 -8.85 -18.65 -29.75
CA ASN B 283 -9.01 -17.20 -29.86
C ASN B 283 -7.73 -16.50 -30.34
N HIS B 284 -6.92 -17.20 -31.14
CA HIS B 284 -5.72 -16.59 -31.73
C HIS B 284 -6.10 -15.42 -32.65
N ASP B 285 -7.12 -15.62 -33.50
N ASP B 285 -7.13 -15.60 -33.50
CA ASP B 285 -7.68 -14.55 -34.29
CA ASP B 285 -7.61 -14.49 -34.30
C ASP B 285 -8.05 -13.35 -33.42
C ASP B 285 -8.05 -13.32 -33.42
N VAL B 286 -8.69 -13.61 -32.28
CA VAL B 286 -9.13 -12.55 -31.38
C VAL B 286 -7.94 -11.78 -30.85
N HIS B 287 -6.90 -12.51 -30.43
CA HIS B 287 -5.72 -11.84 -29.93
C HIS B 287 -5.09 -10.96 -31.00
N MET B 288 -4.90 -11.50 -32.21
CA MET B 288 -4.30 -10.67 -33.25
C MET B 288 -5.18 -9.49 -33.61
N ALA B 289 -6.47 -9.57 -33.37
CA ALA B 289 -7.32 -8.43 -33.63
C ALA B 289 -7.28 -7.38 -32.52
N GLN B 290 -6.85 -7.73 -31.31
CA GLN B 290 -6.81 -6.74 -30.22
C GLN B 290 -5.41 -6.38 -29.73
N ALA B 291 -4.34 -6.92 -30.34
CA ALA B 291 -2.98 -6.60 -29.91
C ALA B 291 -2.05 -6.52 -31.11
N ASP B 292 -0.93 -5.80 -30.96
CA ASP B 292 0.06 -5.72 -32.04
C ASP B 292 1.31 -6.54 -31.72
N GLY B 293 1.23 -7.45 -30.77
CA GLY B 293 2.37 -8.25 -30.44
C GLY B 293 2.00 -9.36 -29.48
N HIS B 294 3.04 -9.92 -28.88
CA HIS B 294 2.85 -11.05 -27.98
C HIS B 294 3.54 -10.83 -26.66
N THR B 295 2.94 -11.42 -25.64
CA THR B 295 3.58 -11.50 -24.33
C THR B 295 4.78 -12.43 -24.41
N GLY B 296 5.70 -12.26 -23.46
CA GLY B 296 6.83 -13.16 -23.39
C GLY B 296 6.66 -14.33 -22.44
N VAL B 297 5.45 -14.54 -21.93
CA VAL B 297 5.15 -15.68 -21.07
C VAL B 297 4.74 -16.84 -21.96
N ILE B 298 5.42 -17.99 -21.80
CA ILE B 298 5.10 -19.22 -22.52
C ILE B 298 4.94 -20.34 -21.51
N ALA B 299 3.92 -21.18 -21.71
CA ALA B 299 3.72 -22.38 -20.91
C ALA B 299 3.80 -23.61 -21.82
N PHE B 300 4.36 -24.69 -21.30
CA PHE B 300 4.45 -25.92 -22.06
C PHE B 300 4.54 -27.09 -21.08
N GLU B 301 4.11 -28.27 -21.56
CA GLU B 301 4.03 -29.48 -20.73
C GLU B 301 5.24 -30.37 -20.96
N VAL B 302 5.89 -30.77 -19.88
CA VAL B 302 6.83 -31.87 -19.90
C VAL B 302 6.16 -33.04 -19.15
N LYS B 303 6.84 -34.20 -19.15
CA LYS B 303 6.19 -35.44 -18.75
C LYS B 303 5.72 -35.42 -17.29
N ASN B 304 6.53 -34.84 -16.40
CA ASN B 304 6.19 -34.90 -14.98
C ASN B 304 6.98 -33.81 -14.25
N THR B 305 6.72 -33.68 -12.94
CA THR B 305 7.37 -32.62 -12.19
C THR B 305 8.87 -32.83 -12.09
N GLU B 306 9.35 -34.07 -12.09
CA GLU B 306 10.79 -34.16 -11.94
C GLU B 306 11.50 -33.96 -13.28
N SER B 307 10.78 -34.12 -14.40
CA SER B 307 11.37 -33.66 -15.66
C SER B 307 11.37 -32.14 -15.72
N ALA B 308 10.40 -31.50 -15.07
CA ALA B 308 10.46 -30.05 -14.90
C ALA B 308 11.69 -29.66 -14.08
N LYS B 309 11.89 -30.31 -12.93
CA LYS B 309 13.01 -29.99 -12.06
C LYS B 309 14.34 -30.19 -12.79
N GLN B 310 14.45 -31.25 -13.59
CA GLN B 310 15.69 -31.50 -14.29
C GLN B 310 15.90 -30.49 -15.41
N LEU B 311 14.80 -30.12 -16.09
CA LEU B 311 14.90 -29.08 -17.13
C LEU B 311 15.35 -27.77 -16.53
N ILE B 312 14.87 -27.46 -15.32
CA ILE B 312 15.25 -26.23 -14.64
C ILE B 312 16.73 -26.25 -14.32
N LYS B 313 17.23 -27.40 -13.80
CA LYS B 313 18.64 -27.45 -13.41
C LYS B 313 19.57 -27.43 -14.62
N ALA B 314 19.13 -28.00 -15.75
CA ALA B 314 19.98 -28.10 -16.94
C ALA B 314 20.12 -26.78 -17.69
N THR B 315 19.20 -25.84 -17.51
CA THR B 315 19.30 -24.56 -18.20
C THR B 315 20.39 -23.71 -17.56
N SER B 316 21.07 -22.93 -18.40
CA SER B 316 22.10 -22.04 -17.91
C SER B 316 21.66 -20.58 -17.85
N TYR B 317 20.72 -20.17 -18.69
CA TYR B 317 20.29 -18.78 -18.75
C TYR B 317 18.88 -18.56 -18.22
N TYR B 318 18.18 -19.60 -17.80
CA TYR B 318 16.86 -19.46 -17.19
C TYR B 318 16.99 -19.60 -15.68
N THR B 319 16.37 -18.68 -14.96
CA THR B 319 16.55 -18.53 -13.53
C THR B 319 15.29 -18.99 -12.80
N LEU B 320 15.46 -19.84 -11.79
CA LEU B 320 14.34 -20.36 -11.03
C LEU B 320 13.95 -19.31 -10.01
N ALA B 321 12.83 -18.63 -10.28
CA ALA B 321 12.32 -17.59 -9.40
C ALA B 321 10.90 -17.25 -9.81
N GLU B 322 10.19 -16.59 -8.89
CA GLU B 322 8.86 -16.09 -9.17
C GLU B 322 8.93 -14.83 -10.00
N SER B 323 7.75 -14.42 -10.50
CA SER B 323 7.52 -13.20 -11.26
C SER B 323 7.96 -13.38 -12.72
N LEU B 324 7.79 -12.34 -13.53
CA LEU B 324 7.97 -12.40 -14.98
C LEU B 324 8.27 -10.99 -15.49
N GLY B 325 8.43 -10.87 -16.80
CA GLY B 325 8.69 -9.58 -17.41
C GLY B 325 10.02 -8.93 -17.08
N ALA B 326 10.99 -9.71 -16.60
CA ALA B 326 12.29 -9.17 -16.27
C ALA B 326 13.23 -9.20 -17.48
N VAL B 327 14.41 -8.57 -17.32
CA VAL B 327 15.48 -8.69 -18.31
C VAL B 327 16.07 -10.09 -18.30
N GLU B 328 16.29 -10.67 -17.11
CA GLU B 328 16.61 -12.08 -17.00
C GLU B 328 15.43 -12.89 -17.52
N SER B 329 15.72 -13.99 -18.21
CA SER B 329 14.64 -14.93 -18.50
C SER B 329 14.40 -15.79 -17.26
N LEU B 330 13.13 -16.05 -16.97
CA LEU B 330 12.76 -16.75 -15.75
C LEU B 330 12.02 -18.04 -16.08
N ILE B 331 12.09 -19.00 -15.16
CA ILE B 331 11.43 -20.29 -15.34
C ILE B 331 10.82 -20.74 -14.01
N SER B 332 9.67 -21.42 -14.10
CA SER B 332 8.95 -21.82 -12.90
C SER B 332 7.95 -22.93 -13.22
N VAL B 333 7.42 -23.51 -12.16
CA VAL B 333 6.34 -24.47 -12.22
C VAL B 333 5.14 -23.88 -11.50
N PRO B 334 4.21 -23.27 -12.25
CA PRO B 334 3.05 -22.60 -11.62
C PRO B 334 2.30 -23.45 -10.60
N ALA B 335 2.18 -24.77 -10.84
CA ALA B 335 1.46 -25.61 -9.88
C ALA B 335 2.10 -25.59 -8.50
N LEU B 336 3.41 -25.43 -8.42
CA LEU B 336 4.10 -25.51 -7.14
C LEU B 336 4.58 -24.17 -6.63
N MET B 337 4.39 -23.10 -7.40
CA MET B 337 4.93 -21.81 -6.99
C MET B 337 3.87 -20.71 -7.00
N THR B 338 3.55 -20.19 -8.19
CA THR B 338 2.69 -19.01 -8.25
C THR B 338 1.21 -19.35 -8.11
N HIS B 339 0.80 -20.53 -8.53
CA HIS B 339 -0.62 -20.86 -8.49
C HIS B 339 -0.93 -21.96 -7.50
N ALA B 340 -0.11 -22.07 -6.43
CA ALA B 340 -0.34 -23.10 -5.43
C ALA B 340 -1.59 -22.83 -4.60
N SER B 341 -2.00 -21.56 -4.49
CA SER B 341 -3.19 -21.19 -3.76
C SER B 341 -4.46 -21.62 -4.48
N ILE B 342 -4.40 -21.83 -5.79
CA ILE B 342 -5.52 -22.45 -6.52
C ILE B 342 -5.62 -23.91 -6.14
N PRO B 343 -6.81 -24.43 -5.78
CA PRO B 343 -6.89 -25.82 -5.33
C PRO B 343 -6.41 -26.83 -6.38
N ALA B 344 -5.84 -27.94 -5.88
CA ALA B 344 -5.19 -28.92 -6.75
C ALA B 344 -6.14 -29.47 -7.81
N ASP B 345 -7.34 -29.90 -7.39
CA ASP B 345 -8.25 -30.54 -8.35
C ASP B 345 -8.65 -29.57 -9.48
N ILE B 346 -8.75 -28.28 -9.16
CA ILE B 346 -9.06 -27.31 -10.21
C ILE B 346 -7.85 -27.10 -11.09
N ARG B 347 -6.66 -27.24 -10.53
CA ARG B 347 -5.47 -27.02 -11.34
C ARG B 347 -5.25 -28.19 -12.28
N ALA B 348 -5.66 -29.39 -11.86
CA ALA B 348 -5.58 -30.53 -12.76
C ALA B 348 -6.63 -30.43 -13.85
N LYS B 349 -7.87 -30.08 -13.47
CA LYS B 349 -8.90 -29.94 -14.48
C LYS B 349 -8.51 -28.93 -15.55
N GLU B 350 -7.92 -27.81 -15.15
CA GLU B 350 -7.63 -26.71 -16.07
C GLU B 350 -6.41 -26.97 -16.93
N GLY B 351 -5.53 -27.86 -16.54
CA GLY B 351 -4.32 -28.09 -17.30
C GLY B 351 -3.06 -27.61 -16.62
N ILE B 352 -3.19 -26.90 -15.50
CA ILE B 352 -2.04 -26.46 -14.74
C ILE B 352 -1.50 -27.70 -14.03
N THR B 353 -1.08 -28.69 -14.82
CA THR B 353 -0.57 -29.97 -14.34
C THR B 353 0.75 -29.81 -13.60
N ASP B 354 1.13 -30.88 -12.91
CA ASP B 354 2.38 -30.88 -12.17
C ASP B 354 3.59 -30.71 -13.08
N GLY B 355 3.44 -31.02 -14.38
CA GLY B 355 4.53 -30.87 -15.33
C GLY B 355 4.40 -29.65 -16.24
N LEU B 356 3.56 -28.70 -15.84
CA LEU B 356 3.42 -27.46 -16.58
C LEU B 356 4.54 -26.51 -16.20
N VAL B 357 5.32 -26.11 -17.19
CA VAL B 357 6.40 -25.16 -17.01
C VAL B 357 5.98 -23.82 -17.59
N ARG B 358 6.34 -22.75 -16.91
CA ARG B 358 6.15 -21.40 -17.41
C ARG B 358 7.52 -20.72 -17.50
N ILE B 359 7.85 -20.24 -18.69
CA ILE B 359 9.02 -19.40 -18.85
C ILE B 359 8.56 -17.98 -19.13
N SER B 360 9.35 -17.03 -18.65
CA SER B 360 9.20 -15.64 -19.05
C SER B 360 10.49 -15.29 -19.79
N VAL B 361 10.34 -15.04 -21.10
CA VAL B 361 11.48 -14.79 -21.96
C VAL B 361 12.03 -13.39 -21.72
N GLY B 362 13.34 -13.29 -21.51
CA GLY B 362 14.02 -12.02 -21.25
C GLY B 362 14.71 -11.47 -22.48
N ILE B 363 15.63 -10.55 -22.26
CA ILE B 363 16.26 -9.84 -23.38
C ILE B 363 17.66 -10.38 -23.70
N GLU B 364 18.00 -11.58 -23.22
CA GLU B 364 19.26 -12.18 -23.65
C GLU B 364 19.19 -12.49 -25.14
N ASP B 365 20.34 -12.89 -25.70
CA ASP B 365 20.40 -13.19 -27.11
C ASP B 365 19.42 -14.30 -27.46
N THR B 366 18.70 -14.14 -28.58
CA THR B 366 17.71 -15.13 -28.96
C THR B 366 18.34 -16.50 -29.16
N GLU B 367 19.49 -16.56 -29.83
CA GLU B 367 20.12 -17.86 -30.07
C GLU B 367 20.58 -18.50 -28.76
N ASP B 368 21.11 -17.71 -27.83
CA ASP B 368 21.47 -18.28 -26.53
C ASP B 368 20.24 -18.84 -25.81
N LEU B 369 19.10 -18.15 -25.91
CA LEU B 369 17.90 -18.61 -25.23
C LEU B 369 17.34 -19.87 -25.88
N VAL B 370 17.25 -19.91 -27.21
CA VAL B 370 16.78 -21.12 -27.88
C VAL B 370 17.71 -22.29 -27.60
N ASP B 371 19.00 -22.12 -27.88
CA ASP B 371 19.94 -23.22 -27.68
C ASP B 371 19.94 -23.71 -26.23
N ASP B 372 19.93 -22.79 -25.26
CA ASP B 372 19.99 -23.21 -23.86
C ASP B 372 18.78 -24.04 -23.48
N LEU B 373 17.58 -23.57 -23.83
CA LEU B 373 16.39 -24.33 -23.47
C LEU B 373 16.37 -25.68 -24.19
N LYS B 374 16.81 -25.73 -25.45
CA LYS B 374 16.78 -26.98 -26.20
C LYS B 374 17.81 -27.98 -25.68
N GLN B 375 19.01 -27.53 -25.36
CA GLN B 375 20.00 -28.45 -24.78
C GLN B 375 19.53 -29.01 -23.45
N ALA B 376 18.81 -28.21 -22.67
CA ALA B 376 18.24 -28.71 -21.42
C ALA B 376 17.13 -29.72 -21.67
N LEU B 377 16.26 -29.46 -22.66
CA LEU B 377 15.18 -30.42 -22.93
C LEU B 377 15.72 -31.69 -23.58
N ASP B 378 16.89 -31.64 -24.20
CA ASP B 378 17.50 -32.87 -24.68
C ASP B 378 17.99 -33.76 -23.53
N THR B 379 18.02 -33.23 -22.29
CA THR B 379 18.37 -34.02 -21.12
C THR B 379 17.25 -34.98 -20.68
N LEU B 380 16.00 -34.65 -20.97
CA LEU B 380 14.91 -35.52 -20.56
C LEU B 380 14.79 -36.70 -21.50
N1 IK2 C . -3.07 7.21 12.06
C2 IK2 C . -3.07 8.12 13.08
C2A IK2 C . -3.37 7.68 14.43
C3 IK2 C . -2.80 9.47 12.86
O3 IK2 C . -2.80 10.34 13.89
C4 IK2 C . -2.55 9.86 11.49
C4A IK2 C . -2.20 11.25 11.22
N4A IK2 C . -2.74 11.71 9.93
OX IK2 C . -2.37 13.09 9.73
C1' IK2 C . -2.31 13.60 8.41
C2' IK2 C . -2.48 15.07 8.60
O1' IK2 C . -3.08 15.77 7.63
O2' IK2 C . -2.05 15.61 9.64
C5 IK2 C . -2.54 8.83 10.43
C6 IK2 C . -2.83 7.52 10.80
C5A IK2 C . -2.27 9.07 8.97
O4P IK2 C . -1.74 7.86 8.42
P IK2 C . -0.85 8.07 7.12
O1P IK2 C . -1.40 7.16 6.06
O2P IK2 C . 0.60 7.75 7.43
O3P IK2 C . -0.99 9.52 6.69
NA NA D . -1.35 -10.18 25.38
NA NA E . 20.92 -5.91 17.29
C1 GOL F . 10.24 -12.69 6.81
O1 GOL F . 10.14 -12.13 8.09
C2 GOL F . 11.10 -14.00 6.89
O2 GOL F . 11.05 -14.72 5.71
C3 GOL F . 12.54 -13.56 7.17
O3 GOL F . 13.32 -14.58 6.60
C1 GOL G . -13.40 5.68 34.19
O1 GOL G . -12.80 5.00 33.10
C2 GOL G . -13.50 4.72 35.42
O2 GOL G . -13.36 3.37 35.05
N1 IK2 H . -1.83 -9.62 -12.35
C2 IK2 H . -1.07 -10.63 -12.88
C2A IK2 H . -1.45 -11.14 -14.25
C3 IK2 H . 0.02 -11.19 -12.19
O3 IK2 H . 0.75 -12.20 -12.73
C4 IK2 H . 0.35 -10.65 -10.83
C4A IK2 H . 1.46 -11.10 -9.94
N4A IK2 H . 2.28 -12.13 -10.57
OX IK2 H . 3.38 -12.53 -9.71
C1' IK2 H . 4.14 -13.75 -9.72
C2' IK2 H . 3.91 -14.56 -11.00
O1' IK2 H . 2.79 -14.84 -11.39
O2' IK2 H . 4.96 -15.01 -11.68
C5 IK2 H . -0.54 -9.55 -10.35
C6 IK2 H . -1.59 -9.10 -11.13
C5A IK2 H . -0.25 -8.97 -8.97
O4P IK2 H . 0.93 -8.16 -9.04
P IK2 H . 1.89 -7.87 -7.78
O1P IK2 H . 1.09 -7.54 -6.54
O2P IK2 H . 2.77 -9.06 -7.52
O3P IK2 H . 2.73 -6.70 -8.23
NA NA I . -14.87 4.40 -22.64
NA NA J . 6.10 15.46 -22.38
C1 GOL K . -20.16 3.40 -4.64
C2 GOL K . -19.16 4.53 -4.23
O2 GOL K . -19.72 5.31 -3.23
C3 GOL K . -17.85 3.79 -3.75
O3 GOL K . -17.15 3.41 -4.90
C1 GOL L . -17.11 -15.87 -28.69
O1 GOL L . -17.15 -14.73 -27.85
C2 GOL L . -18.39 -15.89 -29.59
O2 GOL L . -19.08 -14.65 -29.63
C3 GOL L . -17.93 -16.38 -30.98
#